data_1AF1
# 
_entry.id   1AF1 
# 
_audit_conform.dict_name       mmcif_pdbx.dic 
_audit_conform.dict_version    5.392 
_audit_conform.dict_location   http://mmcif.pdb.org/dictionaries/ascii/mmcif_pdbx.dic 
# 
loop_
_database_2.database_id 
_database_2.database_code 
_database_2.pdbx_database_accession 
_database_2.pdbx_DOI 
PDB   1AF1         pdb_00001af1 10.2210/pdb1af1/pdb 
WWPDB D_1000170735 ?            ?                   
# 
loop_
_pdbx_audit_revision_history.ordinal 
_pdbx_audit_revision_history.data_content_type 
_pdbx_audit_revision_history.major_revision 
_pdbx_audit_revision_history.minor_revision 
_pdbx_audit_revision_history.revision_date 
1 'Structure model' 1 0 1997-08-20 
2 'Structure model' 1 1 2008-03-24 
3 'Structure model' 1 2 2011-07-13 
4 'Structure model' 1 3 2022-02-16 
5 'Structure model' 1 4 2024-05-22 
# 
_pdbx_audit_revision_details.ordinal             1 
_pdbx_audit_revision_details.revision_ordinal    1 
_pdbx_audit_revision_details.data_content_type   'Structure model' 
_pdbx_audit_revision_details.provider            repository 
_pdbx_audit_revision_details.type                'Initial release' 
_pdbx_audit_revision_details.description         ? 
_pdbx_audit_revision_details.details             ? 
# 
loop_
_pdbx_audit_revision_group.ordinal 
_pdbx_audit_revision_group.revision_ordinal 
_pdbx_audit_revision_group.data_content_type 
_pdbx_audit_revision_group.group 
1 2 'Structure model' 'Version format compliance' 
2 3 'Structure model' 'Version format compliance' 
3 4 'Structure model' 'Data collection'           
4 4 'Structure model' 'Database references'       
5 4 'Structure model' 'Derived calculations'      
6 4 'Structure model' Other                       
7 5 'Structure model' 'Data collection'           
# 
loop_
_pdbx_audit_revision_category.ordinal 
_pdbx_audit_revision_category.revision_ordinal 
_pdbx_audit_revision_category.data_content_type 
_pdbx_audit_revision_category.category 
1 4 'Structure model' database_2            
2 4 'Structure model' pdbx_database_status  
3 4 'Structure model' pdbx_nmr_software     
4 4 'Structure model' pdbx_struct_assembly  
5 4 'Structure model' pdbx_struct_oper_list 
6 4 'Structure model' struct_conn           
7 5 'Structure model' chem_comp_atom        
8 5 'Structure model' chem_comp_bond        
# 
loop_
_pdbx_audit_revision_item.ordinal 
_pdbx_audit_revision_item.revision_ordinal 
_pdbx_audit_revision_item.data_content_type 
_pdbx_audit_revision_item.item 
1  4 'Structure model' '_database_2.pdbx_DOI'                
2  4 'Structure model' '_database_2.pdbx_database_accession' 
3  4 'Structure model' '_pdbx_database_status.process_site'  
4  4 'Structure model' '_pdbx_nmr_software.name'             
5  4 'Structure model' '_struct_conn.pdbx_leaving_atom_flag' 
6  4 'Structure model' '_struct_conn.ptnr1_auth_comp_id'     
7  4 'Structure model' '_struct_conn.ptnr1_auth_seq_id'      
8  4 'Structure model' '_struct_conn.ptnr1_label_atom_id'    
9  4 'Structure model' '_struct_conn.ptnr1_label_comp_id'    
10 4 'Structure model' '_struct_conn.ptnr1_label_seq_id'     
11 4 'Structure model' '_struct_conn.ptnr2_auth_comp_id'     
12 4 'Structure model' '_struct_conn.ptnr2_auth_seq_id'      
13 4 'Structure model' '_struct_conn.ptnr2_label_atom_id'    
14 4 'Structure model' '_struct_conn.ptnr2_label_comp_id'    
15 4 'Structure model' '_struct_conn.ptnr2_label_seq_id'     
# 
_pdbx_database_status.status_code                     REL 
_pdbx_database_status.entry_id                        1AF1 
_pdbx_database_status.recvd_initial_deposition_date   1997-03-20 
_pdbx_database_status.deposit_site                    ? 
_pdbx_database_status.process_site                    BNL 
_pdbx_database_status.SG_entry                        . 
_pdbx_database_status.pdb_format_compatible           Y 
_pdbx_database_status.status_code_mr                  ? 
_pdbx_database_status.status_code_sf                  ? 
_pdbx_database_status.status_code_cs                  ? 
_pdbx_database_status.status_code_nmr_data            ? 
_pdbx_database_status.methods_development_category    ? 
# 
_pdbx_database_related.db_name        PDB 
_pdbx_database_related.db_id          1AFZ 
_pdbx_database_related.details        'MINIMIZED AVERAGE STRUCTURE' 
_pdbx_database_related.content_type   unspecified 
# 
loop_
_audit_author.name 
_audit_author.pdbx_ordinal 
'Zegar, I.S.' 1 
'Stone, M.P.' 2 
# 
_citation.id                        primary 
_citation.title                     
;Styrene oxide adducts in an oligodeoxynucleotide containing the human N-ras codon 12 sequence: structural refinement of the minor groove R(12,2)- and S(12,2)-alpha-(N2-guanyl) stereoisomers from 1H NMR.
;
_citation.journal_abbrev            Biochemistry 
_citation.journal_volume            35 
_citation.page_first                4334 
_citation.page_last                 4348 
_citation.year                      1996 
_citation.journal_id_ASTM           BICHAW 
_citation.country                   US 
_citation.journal_id_ISSN           0006-2960 
_citation.journal_id_CSD            0033 
_citation.book_publisher            ? 
_citation.pdbx_database_id_PubMed   8605182 
_citation.pdbx_database_id_DOI      10.1021/bi952086s 
# 
loop_
_citation_author.citation_id 
_citation_author.name 
_citation_author.ordinal 
_citation_author.identifier_ORCID 
primary 'Zegar, I.S.'    1 ? 
primary 'Setayesh, F.R.' 2 ? 
primary 'DeCorte, B.L.'  3 ? 
primary 'Harris, C.M.'   4 ? 
primary 'Harris, T.M.'   5 ? 
primary 'Stone, M.P.'    6 ? 
# 
loop_
_entity.id 
_entity.type 
_entity.src_method 
_entity.pdbx_description 
_entity.formula_weight 
_entity.pdbx_number_of_molecules 
_entity.pdbx_ec 
_entity.pdbx_mutation 
_entity.pdbx_fragment 
_entity.details 
1 polymer syn 
;DNA (5'-D(*GP*GP*CP*AP*GP*GSRP*TP*GP*GP*TP*G)-3')
;
3590.406 1 ? ? ? 'R-STYRENE-CODON 12 ADDUCT' 
2 polymer syn 
;DNA (5'-D(*CP*AP*CP*CP*AP*CP*CP*TP*GP*CP*C)-3')
;
3239.127 1 ? ? ? 'R-STYRENE-CODON 12 ADDUCT' 
# 
loop_
_entity_poly.entity_id 
_entity_poly.type 
_entity_poly.nstd_linkage 
_entity_poly.nstd_monomer 
_entity_poly.pdbx_seq_one_letter_code 
_entity_poly.pdbx_seq_one_letter_code_can 
_entity_poly.pdbx_strand_id 
_entity_poly.pdbx_target_identifier 
1 polydeoxyribonucleotide no yes '(DG)(DG)(DC)(DA)(DG)(GSR)(DT)(DG)(DG)(DT)(DG)' GGCAGGTGGTG A ? 
2 polydeoxyribonucleotide no no  '(DC)(DA)(DC)(DC)(DA)(DC)(DC)(DT)(DG)(DC)(DC)'  CACCACCTGCC B ? 
# 
loop_
_entity_poly_seq.entity_id 
_entity_poly_seq.num 
_entity_poly_seq.mon_id 
_entity_poly_seq.hetero 
1 1  DG  n 
1 2  DG  n 
1 3  DC  n 
1 4  DA  n 
1 5  DG  n 
1 6  GSR n 
1 7  DT  n 
1 8  DG  n 
1 9  DG  n 
1 10 DT  n 
1 11 DG  n 
2 1  DC  n 
2 2  DA  n 
2 3  DC  n 
2 4  DC  n 
2 5  DA  n 
2 6  DC  n 
2 7  DC  n 
2 8  DT  n 
2 9  DG  n 
2 10 DC  n 
2 11 DC  n 
# 
loop_
_chem_comp.id 
_chem_comp.type 
_chem_comp.mon_nstd_flag 
_chem_comp.name 
_chem_comp.pdbx_synonyms 
_chem_comp.formula 
_chem_comp.formula_weight 
DA  'DNA linking' y "2'-DEOXYADENOSINE-5'-MONOPHOSPHATE"                   ? 'C10 H14 N5 O6 P' 331.222 
DC  'DNA linking' y "2'-DEOXYCYTIDINE-5'-MONOPHOSPHATE"                    ? 'C9 H14 N3 O7 P'  307.197 
DG  'DNA linking' y "2'-DEOXYGUANOSINE-5'-MONOPHOSPHATE"                   ? 'C10 H14 N5 O7 P' 347.221 
DT  'DNA linking' y "THYMIDINE-5'-MONOPHOSPHATE"                           ? 'C10 H15 N2 O8 P' 322.208 
GSR 'DNA linking' n 
;2'-DEOXY-N2-(R)STYRENE OXIDE GUANOSINE MONOPHOSPHATE
;
? 'C18 H22 N5 O8 P' 467.370 
# 
loop_
_pdbx_poly_seq_scheme.asym_id 
_pdbx_poly_seq_scheme.entity_id 
_pdbx_poly_seq_scheme.seq_id 
_pdbx_poly_seq_scheme.mon_id 
_pdbx_poly_seq_scheme.ndb_seq_num 
_pdbx_poly_seq_scheme.pdb_seq_num 
_pdbx_poly_seq_scheme.auth_seq_num 
_pdbx_poly_seq_scheme.pdb_mon_id 
_pdbx_poly_seq_scheme.auth_mon_id 
_pdbx_poly_seq_scheme.pdb_strand_id 
_pdbx_poly_seq_scheme.pdb_ins_code 
_pdbx_poly_seq_scheme.hetero 
A 1 1  DG  1  1  1  DG  G   A . n 
A 1 2  DG  2  2  2  DG  G   A . n 
A 1 3  DC  3  3  3  DC  C   A . n 
A 1 4  DA  4  4  4  DA  A   A . n 
A 1 5  DG  5  5  5  DG  G   A . n 
A 1 6  GSR 6  6  6  GSR GSR A . n 
A 1 7  DT  7  7  7  DT  T   A . n 
A 1 8  DG  8  8  8  DG  G   A . n 
A 1 9  DG  9  9  9  DG  G   A . n 
A 1 10 DT  10 10 10 DT  T   A . n 
A 1 11 DG  11 11 11 DG  G   A . n 
B 2 1  DC  1  12 12 DC  C   B . n 
B 2 2  DA  2  13 13 DA  A   B . n 
B 2 3  DC  3  14 14 DC  C   B . n 
B 2 4  DC  4  15 15 DC  C   B . n 
B 2 5  DA  5  16 16 DA  A   B . n 
B 2 6  DC  6  17 17 DC  C   B . n 
B 2 7  DC  7  18 18 DC  C   B . n 
B 2 8  DT  8  19 19 DT  T   B . n 
B 2 9  DG  9  20 20 DG  G   B . n 
B 2 10 DC  10 21 21 DC  C   B . n 
B 2 11 DC  11 22 22 DC  C   B . n 
# 
loop_
_software.name 
_software.classification 
_software.version 
_software.citation_id 
_software.pdbx_ordinal 
X-PLOR 'model building' 3.1 ? 1 
X-PLOR refinement       3.1 ? 2 
X-PLOR phasing          3.1 ? 3 
# 
_cell.entry_id           1AF1 
_cell.length_a           1.000 
_cell.length_b           1.000 
_cell.length_c           1.000 
_cell.angle_alpha        90.00 
_cell.angle_beta         90.00 
_cell.angle_gamma        90.00 
_cell.Z_PDB              1 
_cell.pdbx_unique_axis   ? 
# 
_symmetry.entry_id                         1AF1 
_symmetry.space_group_name_H-M             'P 1' 
_symmetry.pdbx_full_space_group_name_H-M   ? 
_symmetry.cell_setting                     ? 
_symmetry.Int_Tables_number                1 
# 
_exptl.entry_id          1AF1 
_exptl.method            'SOLUTION NMR' 
_exptl.crystals_number   ? 
# 
_struct.entry_id                  1AF1 
_struct.title                     
;THE SOLUTION NMR STRUCTURE OF AN R-STYRENE OXIDE ADDUCT AT THE N2 POSITION OF GUANINE OF AN 11 BASE-PAIR OLIGONUCLEOTIDE SEQUENCE CODING FOR AMINO ACIDS 11-13 OF THE PRODUCT OF THE N-RAS PROTOONCOGENE, MINIMIZED AVERAGE STRUCTURE
;
_struct.pdbx_model_details        ? 
_struct.pdbx_CASP_flag            ? 
_struct.pdbx_model_type_details   ? 
# 
_struct_keywords.entry_id        1AF1 
_struct_keywords.pdbx_keywords   DNA 
_struct_keywords.text            
'DNA DUPLEX, HUMAN N-RAS GENE, CODON 12 SEQUENCE, R-STYRENE OXIDE, MINOR GROOVE ADDUCT, DEOXYRIBONUCLEIC ACID, DNA' 
# 
loop_
_struct_asym.id 
_struct_asym.pdbx_blank_PDB_chainid_flag 
_struct_asym.pdbx_modified 
_struct_asym.entity_id 
_struct_asym.details 
A N N 1 ? 
B N N 2 ? 
# 
loop_
_struct_ref.id 
_struct_ref.entity_id 
_struct_ref.db_name 
_struct_ref.db_code 
_struct_ref.pdbx_db_accession 
_struct_ref.pdbx_db_isoform 
_struct_ref.pdbx_seq_one_letter_code 
_struct_ref.pdbx_align_begin 
1 1 PDB 1AF1 1AF1 ? ? ? 
2 2 PDB 1AF1 1AF1 ? ? ? 
# 
loop_
_struct_ref_seq.align_id 
_struct_ref_seq.ref_id 
_struct_ref_seq.pdbx_PDB_id_code 
_struct_ref_seq.pdbx_strand_id 
_struct_ref_seq.seq_align_beg 
_struct_ref_seq.pdbx_seq_align_beg_ins_code 
_struct_ref_seq.seq_align_end 
_struct_ref_seq.pdbx_seq_align_end_ins_code 
_struct_ref_seq.pdbx_db_accession 
_struct_ref_seq.db_align_beg 
_struct_ref_seq.pdbx_db_align_beg_ins_code 
_struct_ref_seq.db_align_end 
_struct_ref_seq.pdbx_db_align_end_ins_code 
_struct_ref_seq.pdbx_auth_seq_align_beg 
_struct_ref_seq.pdbx_auth_seq_align_end 
1 1 1AF1 A 1 ? 11 ? 1AF1 1  ? 11 ? 1  11 
2 2 1AF1 B 1 ? 11 ? 1AF1 12 ? 22 ? 12 22 
# 
_pdbx_struct_assembly.id                   1 
_pdbx_struct_assembly.details              author_defined_assembly 
_pdbx_struct_assembly.method_details       ? 
_pdbx_struct_assembly.oligomeric_details   dimeric 
_pdbx_struct_assembly.oligomeric_count     2 
# 
_pdbx_struct_assembly_gen.assembly_id       1 
_pdbx_struct_assembly_gen.oper_expression   1 
_pdbx_struct_assembly_gen.asym_id_list      A,B 
# 
_pdbx_struct_oper_list.id                   1 
_pdbx_struct_oper_list.type                 'identity operation' 
_pdbx_struct_oper_list.name                 1_555 
_pdbx_struct_oper_list.symmetry_operation   x,y,z 
_pdbx_struct_oper_list.matrix[1][1]         1.0000000000 
_pdbx_struct_oper_list.matrix[1][2]         0.0000000000 
_pdbx_struct_oper_list.matrix[1][3]         0.0000000000 
_pdbx_struct_oper_list.vector[1]            0.0000000000 
_pdbx_struct_oper_list.matrix[2][1]         0.0000000000 
_pdbx_struct_oper_list.matrix[2][2]         1.0000000000 
_pdbx_struct_oper_list.matrix[2][3]         0.0000000000 
_pdbx_struct_oper_list.vector[2]            0.0000000000 
_pdbx_struct_oper_list.matrix[3][1]         0.0000000000 
_pdbx_struct_oper_list.matrix[3][2]         0.0000000000 
_pdbx_struct_oper_list.matrix[3][3]         1.0000000000 
_pdbx_struct_oper_list.vector[3]            0.0000000000 
# 
_struct_biol.id   1 
# 
loop_
_struct_conn.id 
_struct_conn.conn_type_id 
_struct_conn.pdbx_leaving_atom_flag 
_struct_conn.pdbx_PDB_id 
_struct_conn.ptnr1_label_asym_id 
_struct_conn.ptnr1_label_comp_id 
_struct_conn.ptnr1_label_seq_id 
_struct_conn.ptnr1_label_atom_id 
_struct_conn.pdbx_ptnr1_label_alt_id 
_struct_conn.pdbx_ptnr1_PDB_ins_code 
_struct_conn.pdbx_ptnr1_standard_comp_id 
_struct_conn.ptnr1_symmetry 
_struct_conn.ptnr2_label_asym_id 
_struct_conn.ptnr2_label_comp_id 
_struct_conn.ptnr2_label_seq_id 
_struct_conn.ptnr2_label_atom_id 
_struct_conn.pdbx_ptnr2_label_alt_id 
_struct_conn.pdbx_ptnr2_PDB_ins_code 
_struct_conn.ptnr1_auth_asym_id 
_struct_conn.ptnr1_auth_comp_id 
_struct_conn.ptnr1_auth_seq_id 
_struct_conn.ptnr2_auth_asym_id 
_struct_conn.ptnr2_auth_comp_id 
_struct_conn.ptnr2_auth_seq_id 
_struct_conn.ptnr2_symmetry 
_struct_conn.pdbx_ptnr3_label_atom_id 
_struct_conn.pdbx_ptnr3_label_seq_id 
_struct_conn.pdbx_ptnr3_label_comp_id 
_struct_conn.pdbx_ptnr3_label_asym_id 
_struct_conn.pdbx_ptnr3_label_alt_id 
_struct_conn.pdbx_ptnr3_PDB_ins_code 
_struct_conn.details 
_struct_conn.pdbx_dist_value 
_struct_conn.pdbx_value_order 
_struct_conn.pdbx_role 
covale1  covale both ? A DG  5  "O3'" ? ? ? 1_555 A GSR 6  P  ? ? A DG  5  A GSR 6  1_555 ? ? ? ? ? ? ?            1.614 ? ? 
covale2  covale both ? A GSR 6  "O3'" ? ? ? 1_555 A DT  7  P  ? ? A GSR 6  A DT  7  1_555 ? ? ? ? ? ? ?            1.614 ? ? 
hydrog1  hydrog ?    ? A DG  1  N1    ? ? ? 1_555 B DC  11 N3 ? ? A DG  1  B DC  22 1_555 ? ? ? ? ? ? WATSON-CRICK ?     ? ? 
hydrog2  hydrog ?    ? A DG  1  N2    ? ? ? 1_555 B DC  11 O2 ? ? A DG  1  B DC  22 1_555 ? ? ? ? ? ? WATSON-CRICK ?     ? ? 
hydrog3  hydrog ?    ? A DG  1  O6    ? ? ? 1_555 B DC  11 N4 ? ? A DG  1  B DC  22 1_555 ? ? ? ? ? ? WATSON-CRICK ?     ? ? 
hydrog4  hydrog ?    ? A DG  2  N1    ? ? ? 1_555 B DC  10 N3 ? ? A DG  2  B DC  21 1_555 ? ? ? ? ? ? WATSON-CRICK ?     ? ? 
hydrog5  hydrog ?    ? A DG  2  N2    ? ? ? 1_555 B DC  10 O2 ? ? A DG  2  B DC  21 1_555 ? ? ? ? ? ? WATSON-CRICK ?     ? ? 
hydrog6  hydrog ?    ? A DG  2  O6    ? ? ? 1_555 B DC  10 N4 ? ? A DG  2  B DC  21 1_555 ? ? ? ? ? ? WATSON-CRICK ?     ? ? 
hydrog7  hydrog ?    ? A DC  3  N3    ? ? ? 1_555 B DG  9  N1 ? ? A DC  3  B DG  20 1_555 ? ? ? ? ? ? WATSON-CRICK ?     ? ? 
hydrog8  hydrog ?    ? A DC  3  N4    ? ? ? 1_555 B DG  9  O6 ? ? A DC  3  B DG  20 1_555 ? ? ? ? ? ? WATSON-CRICK ?     ? ? 
hydrog9  hydrog ?    ? A DC  3  O2    ? ? ? 1_555 B DG  9  N2 ? ? A DC  3  B DG  20 1_555 ? ? ? ? ? ? WATSON-CRICK ?     ? ? 
hydrog10 hydrog ?    ? A DA  4  N1    ? ? ? 1_555 B DT  8  N3 ? ? A DA  4  B DT  19 1_555 ? ? ? ? ? ? WATSON-CRICK ?     ? ? 
hydrog11 hydrog ?    ? A DA  4  N6    ? ? ? 1_555 B DT  8  O4 ? ? A DA  4  B DT  19 1_555 ? ? ? ? ? ? WATSON-CRICK ?     ? ? 
hydrog12 hydrog ?    ? A DG  5  N1    ? ? ? 1_555 B DC  7  N3 ? ? A DG  5  B DC  18 1_555 ? ? ? ? ? ? WATSON-CRICK ?     ? ? 
hydrog13 hydrog ?    ? A DG  5  N2    ? ? ? 1_555 B DC  7  O2 ? ? A DG  5  B DC  18 1_555 ? ? ? ? ? ? WATSON-CRICK ?     ? ? 
hydrog14 hydrog ?    ? A DG  5  O6    ? ? ? 1_555 B DC  7  N4 ? ? A DG  5  B DC  18 1_555 ? ? ? ? ? ? WATSON-CRICK ?     ? ? 
hydrog15 hydrog ?    ? A GSR 6  N1    ? ? ? 1_555 B DC  6  N3 ? ? A GSR 6  B DC  17 1_555 ? ? ? ? ? ? WATSON-CRICK ?     ? ? 
hydrog16 hydrog ?    ? A GSR 6  N2    ? ? ? 1_555 B DC  6  O2 ? ? A GSR 6  B DC  17 1_555 ? ? ? ? ? ? WATSON-CRICK ?     ? ? 
hydrog17 hydrog ?    ? A GSR 6  O6    ? ? ? 1_555 B DC  6  N4 ? ? A GSR 6  B DC  17 1_555 ? ? ? ? ? ? WATSON-CRICK ?     ? ? 
hydrog18 hydrog ?    ? A DT  7  N3    ? ? ? 1_555 B DA  5  N1 ? ? A DT  7  B DA  16 1_555 ? ? ? ? ? ? WATSON-CRICK ?     ? ? 
hydrog19 hydrog ?    ? A DT  7  O4    ? ? ? 1_555 B DA  5  N6 ? ? A DT  7  B DA  16 1_555 ? ? ? ? ? ? WATSON-CRICK ?     ? ? 
hydrog20 hydrog ?    ? A DG  8  N1    ? ? ? 1_555 B DC  4  N3 ? ? A DG  8  B DC  15 1_555 ? ? ? ? ? ? WATSON-CRICK ?     ? ? 
hydrog21 hydrog ?    ? A DG  8  N2    ? ? ? 1_555 B DC  4  O2 ? ? A DG  8  B DC  15 1_555 ? ? ? ? ? ? WATSON-CRICK ?     ? ? 
hydrog22 hydrog ?    ? A DG  8  O6    ? ? ? 1_555 B DC  4  N4 ? ? A DG  8  B DC  15 1_555 ? ? ? ? ? ? WATSON-CRICK ?     ? ? 
hydrog23 hydrog ?    ? A DG  9  N1    ? ? ? 1_555 B DC  3  N3 ? ? A DG  9  B DC  14 1_555 ? ? ? ? ? ? WATSON-CRICK ?     ? ? 
hydrog24 hydrog ?    ? A DG  9  N2    ? ? ? 1_555 B DC  3  O2 ? ? A DG  9  B DC  14 1_555 ? ? ? ? ? ? WATSON-CRICK ?     ? ? 
hydrog25 hydrog ?    ? A DG  9  O6    ? ? ? 1_555 B DC  3  N4 ? ? A DG  9  B DC  14 1_555 ? ? ? ? ? ? WATSON-CRICK ?     ? ? 
hydrog26 hydrog ?    ? A DT  10 N3    ? ? ? 1_555 B DA  2  N1 ? ? A DT  10 B DA  13 1_555 ? ? ? ? ? ? WATSON-CRICK ?     ? ? 
hydrog27 hydrog ?    ? A DT  10 O4    ? ? ? 1_555 B DA  2  N6 ? ? A DT  10 B DA  13 1_555 ? ? ? ? ? ? WATSON-CRICK ?     ? ? 
hydrog28 hydrog ?    ? A DG  11 N1    ? ? ? 1_555 B DC  1  N3 ? ? A DG  11 B DC  12 1_555 ? ? ? ? ? ? WATSON-CRICK ?     ? ? 
hydrog29 hydrog ?    ? A DG  11 N2    ? ? ? 1_555 B DC  1  O2 ? ? A DG  11 B DC  12 1_555 ? ? ? ? ? ? WATSON-CRICK ?     ? ? 
hydrog30 hydrog ?    ? A DG  11 O6    ? ? ? 1_555 B DC  1  N4 ? ? A DG  11 B DC  12 1_555 ? ? ? ? ? ? WATSON-CRICK ?     ? ? 
# 
loop_
_struct_conn_type.id 
_struct_conn_type.criteria 
_struct_conn_type.reference 
covale ? ? 
hydrog ? ? 
# 
loop_
_pdbx_validate_rmsd_angle.id 
_pdbx_validate_rmsd_angle.PDB_model_num 
_pdbx_validate_rmsd_angle.auth_atom_id_1 
_pdbx_validate_rmsd_angle.auth_asym_id_1 
_pdbx_validate_rmsd_angle.auth_comp_id_1 
_pdbx_validate_rmsd_angle.auth_seq_id_1 
_pdbx_validate_rmsd_angle.PDB_ins_code_1 
_pdbx_validate_rmsd_angle.label_alt_id_1 
_pdbx_validate_rmsd_angle.auth_atom_id_2 
_pdbx_validate_rmsd_angle.auth_asym_id_2 
_pdbx_validate_rmsd_angle.auth_comp_id_2 
_pdbx_validate_rmsd_angle.auth_seq_id_2 
_pdbx_validate_rmsd_angle.PDB_ins_code_2 
_pdbx_validate_rmsd_angle.label_alt_id_2 
_pdbx_validate_rmsd_angle.auth_atom_id_3 
_pdbx_validate_rmsd_angle.auth_asym_id_3 
_pdbx_validate_rmsd_angle.auth_comp_id_3 
_pdbx_validate_rmsd_angle.auth_seq_id_3 
_pdbx_validate_rmsd_angle.PDB_ins_code_3 
_pdbx_validate_rmsd_angle.label_alt_id_3 
_pdbx_validate_rmsd_angle.angle_value 
_pdbx_validate_rmsd_angle.angle_target_value 
_pdbx_validate_rmsd_angle.angle_deviation 
_pdbx_validate_rmsd_angle.angle_standard_deviation 
_pdbx_validate_rmsd_angle.linker_flag 
1  1 "O4'" A DG 1  ? ? "C1'" A DG 1  ? ? N9 A DG 1  ? ? 110.95 108.30 2.65  0.30 N 
2  1 N7    A DG 1  ? ? C8    A DG 1  ? ? N9 A DG 1  ? ? 117.60 113.10 4.50  0.50 N 
3  1 C8    A DG 1  ? ? N9    A DG 1  ? ? C4 A DG 1  ? ? 103.68 106.40 -2.72 0.40 N 
4  1 "O4'" A DG 2  ? ? "C1'" A DG 2  ? ? N9 A DG 2  ? ? 110.78 108.30 2.48  0.30 N 
5  1 N7    A DG 2  ? ? C8    A DG 2  ? ? N9 A DG 2  ? ? 117.65 113.10 4.55  0.50 N 
6  1 C8    A DG 2  ? ? N9    A DG 2  ? ? C4 A DG 2  ? ? 103.56 106.40 -2.84 0.40 N 
7  1 "O4'" A DC 3  ? ? "C1'" A DC 3  ? ? N1 A DC 3  ? ? 111.18 108.30 2.88  0.30 N 
8  1 "O4'" A DA 4  ? ? "C1'" A DA 4  ? ? N9 A DA 4  ? ? 110.94 108.30 2.64  0.30 N 
9  1 N7    A DA 4  ? ? C8    A DA 4  ? ? N9 A DA 4  ? ? 117.50 113.80 3.70  0.50 N 
10 1 "O4'" A DG 5  ? ? "C1'" A DG 5  ? ? N9 A DG 5  ? ? 111.61 108.30 3.31  0.30 N 
11 1 N7    A DG 5  ? ? C8    A DG 5  ? ? N9 A DG 5  ? ? 117.43 113.10 4.33  0.50 N 
12 1 C8    A DG 5  ? ? N9    A DG 5  ? ? C4 A DG 5  ? ? 103.84 106.40 -2.56 0.40 N 
13 1 "O4'" A DT 7  ? ? "C1'" A DT 7  ? ? N1 A DT 7  ? ? 111.02 108.30 2.72  0.30 N 
14 1 N7    A DG 8  ? ? C8    A DG 8  ? ? N9 A DG 8  ? ? 117.63 113.10 4.53  0.50 N 
15 1 C8    A DG 8  ? ? N9    A DG 8  ? ? C4 A DG 8  ? ? 103.52 106.40 -2.88 0.40 N 
16 1 "O4'" A DG 9  ? ? "C1'" A DG 9  ? ? N9 A DG 9  ? ? 111.53 108.30 3.23  0.30 N 
17 1 N7    A DG 9  ? ? C8    A DG 9  ? ? N9 A DG 9  ? ? 117.61 113.10 4.51  0.50 N 
18 1 C8    A DG 9  ? ? N9    A DG 9  ? ? C4 A DG 9  ? ? 103.69 106.40 -2.71 0.40 N 
19 1 "O4'" A DT 10 ? ? "C1'" A DT 10 ? ? N1 A DT 10 ? ? 110.84 108.30 2.54  0.30 N 
20 1 "O4'" A DG 11 ? ? "C1'" A DG 11 ? ? N9 A DG 11 ? ? 111.25 108.30 2.95  0.30 N 
21 1 N7    A DG 11 ? ? C8    A DG 11 ? ? N9 A DG 11 ? ? 117.65 113.10 4.55  0.50 N 
22 1 C8    A DG 11 ? ? N9    A DG 11 ? ? C4 A DG 11 ? ? 103.71 106.40 -2.69 0.40 N 
23 1 "O4'" B DC 12 ? ? "C1'" B DC 12 ? ? N1 B DC 12 ? ? 110.94 108.30 2.64  0.30 N 
24 1 N7    B DA 13 ? ? C8    B DA 13 ? ? N9 B DA 13 ? ? 117.64 113.80 3.84  0.50 N 
25 1 C8    B DA 13 ? ? N9    B DA 13 ? ? C4 B DA 13 ? ? 103.20 105.80 -2.60 0.40 N 
26 1 "O4'" B DC 14 ? ? "C1'" B DC 14 ? ? N1 B DC 14 ? ? 110.41 108.30 2.11  0.30 N 
27 1 "O4'" B DC 15 ? ? "C1'" B DC 15 ? ? N1 B DC 15 ? ? 110.83 108.30 2.53  0.30 N 
28 1 "O4'" B DA 16 ? ? "C1'" B DA 16 ? ? N9 B DA 16 ? ? 111.28 108.30 2.98  0.30 N 
29 1 N7    B DA 16 ? ? C8    B DA 16 ? ? N9 B DA 16 ? ? 117.53 113.80 3.73  0.50 N 
30 1 "O4'" B DC 17 ? ? "C1'" B DC 17 ? ? N1 B DC 17 ? ? 111.08 108.30 2.78  0.30 N 
31 1 "O4'" B DC 18 ? ? "C1'" B DC 18 ? ? N1 B DC 18 ? ? 110.83 108.30 2.53  0.30 N 
32 1 "O4'" B DT 19 ? ? "C1'" B DT 19 ? ? N1 B DT 19 ? ? 111.49 108.30 3.19  0.30 N 
33 1 "O4'" B DG 20 ? ? "C1'" B DG 20 ? ? N9 B DG 20 ? ? 110.81 108.30 2.51  0.30 N 
34 1 N7    B DG 20 ? ? C8    B DG 20 ? ? N9 B DG 20 ? ? 117.65 113.10 4.55  0.50 N 
35 1 C8    B DG 20 ? ? N9    B DG 20 ? ? C4 B DG 20 ? ? 103.65 106.40 -2.75 0.40 N 
36 1 "O4'" B DC 21 ? ? "C1'" B DC 21 ? ? N1 B DC 21 ? ? 111.38 108.30 3.08  0.30 N 
37 1 "O4'" B DC 22 ? ? "C1'" B DC 22 ? ? N1 B DC 22 ? ? 110.85 108.30 2.55  0.30 N 
# 
_pdbx_struct_mod_residue.id               1 
_pdbx_struct_mod_residue.label_asym_id    A 
_pdbx_struct_mod_residue.label_comp_id    GSR 
_pdbx_struct_mod_residue.label_seq_id     6 
_pdbx_struct_mod_residue.auth_asym_id     A 
_pdbx_struct_mod_residue.auth_comp_id     GSR 
_pdbx_struct_mod_residue.auth_seq_id      6 
_pdbx_struct_mod_residue.PDB_ins_code     ? 
_pdbx_struct_mod_residue.parent_comp_id   DG 
_pdbx_struct_mod_residue.details          ? 
# 
_pdbx_nmr_ensemble.entry_id                             1AF1 
_pdbx_nmr_ensemble.conformers_calculated_total_number   1 
_pdbx_nmr_ensemble.conformers_submitted_total_number    1 
_pdbx_nmr_ensemble.conformer_selection_criteria         
'THIS STRUCTURE PROVIDED THE BEST-FIT FOR THE NOE DATA BASED ON THE RELAXATION MATRIX ANALYSIS USING CORMA.' 
# 
_pdbx_nmr_exptl_sample_conditions.conditions_id       1 
_pdbx_nmr_exptl_sample_conditions.temperature         303 
_pdbx_nmr_exptl_sample_conditions.pressure            ? 
_pdbx_nmr_exptl_sample_conditions.pH                  6.9 
_pdbx_nmr_exptl_sample_conditions.ionic_strength      ? 
_pdbx_nmr_exptl_sample_conditions.pressure_units      . 
_pdbx_nmr_exptl_sample_conditions.temperature_units   K 
# 
loop_
_pdbx_nmr_exptl.experiment_id 
_pdbx_nmr_exptl.conditions_id 
_pdbx_nmr_exptl.type 
_pdbx_nmr_exptl.solution_id 
1 1 NOESY       1 
2 1 2QF-COSY    1 
3 1 'AND TOCSY' 1 
4 1 2QF-COSY    1 
# 
_pdbx_nmr_refine.entry_id           1AF1 
_pdbx_nmr_refine.method             'NOE-RESTRAINED MOLECULAR DYNAMICS/SIMULATED ANNEALING' 
_pdbx_nmr_refine.details            'REFINEMENT DETAILS CAN BE FOUND IN THE JRNL CITATION ABOVE.' 
_pdbx_nmr_refine.software_ordinal   1 
# 
loop_
_pdbx_nmr_software.classification 
_pdbx_nmr_software.name 
_pdbx_nmr_software.version 
_pdbx_nmr_software.authors 
_pdbx_nmr_software.ordinal 
refinement           X-PLOR    3.1 BRUNGER 1 
'structure solution' Felix     ?   ?       2 
'structure solution' X-PLOR    ?   ?       3 
'structure solution' MARDIGRAS ?   ?       4 
'structure solution' CORMA     ?   ?       5 
# 
loop_
_chem_comp_atom.comp_id 
_chem_comp_atom.atom_id 
_chem_comp_atom.type_symbol 
_chem_comp_atom.pdbx_aromatic_flag 
_chem_comp_atom.pdbx_stereo_config 
_chem_comp_atom.pdbx_ordinal 
DA  OP3    O N N 1   
DA  P      P N N 2   
DA  OP1    O N N 3   
DA  OP2    O N N 4   
DA  "O5'"  O N N 5   
DA  "C5'"  C N N 6   
DA  "C4'"  C N R 7   
DA  "O4'"  O N N 8   
DA  "C3'"  C N S 9   
DA  "O3'"  O N N 10  
DA  "C2'"  C N N 11  
DA  "C1'"  C N R 12  
DA  N9     N Y N 13  
DA  C8     C Y N 14  
DA  N7     N Y N 15  
DA  C5     C Y N 16  
DA  C6     C Y N 17  
DA  N6     N N N 18  
DA  N1     N Y N 19  
DA  C2     C Y N 20  
DA  N3     N Y N 21  
DA  C4     C Y N 22  
DA  HOP3   H N N 23  
DA  HOP2   H N N 24  
DA  "H5'"  H N N 25  
DA  "H5''" H N N 26  
DA  "H4'"  H N N 27  
DA  "H3'"  H N N 28  
DA  "HO3'" H N N 29  
DA  "H2'"  H N N 30  
DA  "H2''" H N N 31  
DA  "H1'"  H N N 32  
DA  H8     H N N 33  
DA  H61    H N N 34  
DA  H62    H N N 35  
DA  H2     H N N 36  
DC  OP3    O N N 37  
DC  P      P N N 38  
DC  OP1    O N N 39  
DC  OP2    O N N 40  
DC  "O5'"  O N N 41  
DC  "C5'"  C N N 42  
DC  "C4'"  C N R 43  
DC  "O4'"  O N N 44  
DC  "C3'"  C N S 45  
DC  "O3'"  O N N 46  
DC  "C2'"  C N N 47  
DC  "C1'"  C N R 48  
DC  N1     N N N 49  
DC  C2     C N N 50  
DC  O2     O N N 51  
DC  N3     N N N 52  
DC  C4     C N N 53  
DC  N4     N N N 54  
DC  C5     C N N 55  
DC  C6     C N N 56  
DC  HOP3   H N N 57  
DC  HOP2   H N N 58  
DC  "H5'"  H N N 59  
DC  "H5''" H N N 60  
DC  "H4'"  H N N 61  
DC  "H3'"  H N N 62  
DC  "HO3'" H N N 63  
DC  "H2'"  H N N 64  
DC  "H2''" H N N 65  
DC  "H1'"  H N N 66  
DC  H41    H N N 67  
DC  H42    H N N 68  
DC  H5     H N N 69  
DC  H6     H N N 70  
DG  OP3    O N N 71  
DG  P      P N N 72  
DG  OP1    O N N 73  
DG  OP2    O N N 74  
DG  "O5'"  O N N 75  
DG  "C5'"  C N N 76  
DG  "C4'"  C N R 77  
DG  "O4'"  O N N 78  
DG  "C3'"  C N S 79  
DG  "O3'"  O N N 80  
DG  "C2'"  C N N 81  
DG  "C1'"  C N R 82  
DG  N9     N Y N 83  
DG  C8     C Y N 84  
DG  N7     N Y N 85  
DG  C5     C Y N 86  
DG  C6     C N N 87  
DG  O6     O N N 88  
DG  N1     N N N 89  
DG  C2     C N N 90  
DG  N2     N N N 91  
DG  N3     N N N 92  
DG  C4     C Y N 93  
DG  HOP3   H N N 94  
DG  HOP2   H N N 95  
DG  "H5'"  H N N 96  
DG  "H5''" H N N 97  
DG  "H4'"  H N N 98  
DG  "H3'"  H N N 99  
DG  "HO3'" H N N 100 
DG  "H2'"  H N N 101 
DG  "H2''" H N N 102 
DG  "H1'"  H N N 103 
DG  H8     H N N 104 
DG  H1     H N N 105 
DG  H21    H N N 106 
DG  H22    H N N 107 
DT  OP3    O N N 108 
DT  P      P N N 109 
DT  OP1    O N N 110 
DT  OP2    O N N 111 
DT  "O5'"  O N N 112 
DT  "C5'"  C N N 113 
DT  "C4'"  C N R 114 
DT  "O4'"  O N N 115 
DT  "C3'"  C N S 116 
DT  "O3'"  O N N 117 
DT  "C2'"  C N N 118 
DT  "C1'"  C N R 119 
DT  N1     N N N 120 
DT  C2     C N N 121 
DT  O2     O N N 122 
DT  N3     N N N 123 
DT  C4     C N N 124 
DT  O4     O N N 125 
DT  C5     C N N 126 
DT  C7     C N N 127 
DT  C6     C N N 128 
DT  HOP3   H N N 129 
DT  HOP2   H N N 130 
DT  "H5'"  H N N 131 
DT  "H5''" H N N 132 
DT  "H4'"  H N N 133 
DT  "H3'"  H N N 134 
DT  "HO3'" H N N 135 
DT  "H2'"  H N N 136 
DT  "H2''" H N N 137 
DT  "H1'"  H N N 138 
DT  H3     H N N 139 
DT  H71    H N N 140 
DT  H72    H N N 141 
DT  H73    H N N 142 
DT  H6     H N N 143 
GSR P      P N N 144 
GSR OP1    O N N 145 
GSR OP2    O N N 146 
GSR OP3    O N N 147 
GSR "O5'"  O N N 148 
GSR "C5'"  C N N 149 
GSR "C4'"  C N R 150 
GSR "O4'"  O N N 151 
GSR "C3'"  C N S 152 
GSR "O3'"  O N N 153 
GSR "C2'"  C N N 154 
GSR "C1'"  C N R 155 
GSR N9     N Y N 156 
GSR C8     C Y N 157 
GSR N7     N Y N 158 
GSR C5     C Y N 159 
GSR C6     C N N 160 
GSR O6     O N N 161 
GSR N1     N N N 162 
GSR C2     C N N 163 
GSR N2     N N N 164 
GSR N3     N N N 165 
GSR C4     C Y N 166 
GSR CA     C N R 167 
GSR CB     C N N 168 
GSR OB     O N N 169 
GSR CJ     C Y N 170 
GSR CO     C Y N 171 
GSR "CO'"  C Y N 172 
GSR CM     C Y N 173 
GSR "CM'"  C Y N 174 
GSR CP     C Y N 175 
GSR HOP2   H N N 176 
GSR HOP3   H N N 177 
GSR "H5'"  H N N 178 
GSR "H5''" H N N 179 
GSR "H4'"  H N N 180 
GSR "H3'"  H N N 181 
GSR "HO3'" H N N 182 
GSR "H2'"  H N N 183 
GSR "H2''" H N N 184 
GSR "H1'"  H N N 185 
GSR H8     H N N 186 
GSR H1     H N N 187 
GSR H2     H N N 188 
GSR HA     H N N 189 
GSR HB1    H N N 190 
GSR HB2    H N N 191 
GSR HB     H N N 192 
GSR HO     H N N 193 
GSR "HO'"  H N N 194 
GSR HM     H N N 195 
GSR "HM'"  H N N 196 
GSR HP     H N N 197 
# 
loop_
_chem_comp_bond.comp_id 
_chem_comp_bond.atom_id_1 
_chem_comp_bond.atom_id_2 
_chem_comp_bond.value_order 
_chem_comp_bond.pdbx_aromatic_flag 
_chem_comp_bond.pdbx_stereo_config 
_chem_comp_bond.pdbx_ordinal 
DA  OP3   P      sing N N 1   
DA  OP3   HOP3   sing N N 2   
DA  P     OP1    doub N N 3   
DA  P     OP2    sing N N 4   
DA  P     "O5'"  sing N N 5   
DA  OP2   HOP2   sing N N 6   
DA  "O5'" "C5'"  sing N N 7   
DA  "C5'" "C4'"  sing N N 8   
DA  "C5'" "H5'"  sing N N 9   
DA  "C5'" "H5''" sing N N 10  
DA  "C4'" "O4'"  sing N N 11  
DA  "C4'" "C3'"  sing N N 12  
DA  "C4'" "H4'"  sing N N 13  
DA  "O4'" "C1'"  sing N N 14  
DA  "C3'" "O3'"  sing N N 15  
DA  "C3'" "C2'"  sing N N 16  
DA  "C3'" "H3'"  sing N N 17  
DA  "O3'" "HO3'" sing N N 18  
DA  "C2'" "C1'"  sing N N 19  
DA  "C2'" "H2'"  sing N N 20  
DA  "C2'" "H2''" sing N N 21  
DA  "C1'" N9     sing N N 22  
DA  "C1'" "H1'"  sing N N 23  
DA  N9    C8     sing Y N 24  
DA  N9    C4     sing Y N 25  
DA  C8    N7     doub Y N 26  
DA  C8    H8     sing N N 27  
DA  N7    C5     sing Y N 28  
DA  C5    C6     sing Y N 29  
DA  C5    C4     doub Y N 30  
DA  C6    N6     sing N N 31  
DA  C6    N1     doub Y N 32  
DA  N6    H61    sing N N 33  
DA  N6    H62    sing N N 34  
DA  N1    C2     sing Y N 35  
DA  C2    N3     doub Y N 36  
DA  C2    H2     sing N N 37  
DA  N3    C4     sing Y N 38  
DC  OP3   P      sing N N 39  
DC  OP3   HOP3   sing N N 40  
DC  P     OP1    doub N N 41  
DC  P     OP2    sing N N 42  
DC  P     "O5'"  sing N N 43  
DC  OP2   HOP2   sing N N 44  
DC  "O5'" "C5'"  sing N N 45  
DC  "C5'" "C4'"  sing N N 46  
DC  "C5'" "H5'"  sing N N 47  
DC  "C5'" "H5''" sing N N 48  
DC  "C4'" "O4'"  sing N N 49  
DC  "C4'" "C3'"  sing N N 50  
DC  "C4'" "H4'"  sing N N 51  
DC  "O4'" "C1'"  sing N N 52  
DC  "C3'" "O3'"  sing N N 53  
DC  "C3'" "C2'"  sing N N 54  
DC  "C3'" "H3'"  sing N N 55  
DC  "O3'" "HO3'" sing N N 56  
DC  "C2'" "C1'"  sing N N 57  
DC  "C2'" "H2'"  sing N N 58  
DC  "C2'" "H2''" sing N N 59  
DC  "C1'" N1     sing N N 60  
DC  "C1'" "H1'"  sing N N 61  
DC  N1    C2     sing N N 62  
DC  N1    C6     sing N N 63  
DC  C2    O2     doub N N 64  
DC  C2    N3     sing N N 65  
DC  N3    C4     doub N N 66  
DC  C4    N4     sing N N 67  
DC  C4    C5     sing N N 68  
DC  N4    H41    sing N N 69  
DC  N4    H42    sing N N 70  
DC  C5    C6     doub N N 71  
DC  C5    H5     sing N N 72  
DC  C6    H6     sing N N 73  
DG  OP3   P      sing N N 74  
DG  OP3   HOP3   sing N N 75  
DG  P     OP1    doub N N 76  
DG  P     OP2    sing N N 77  
DG  P     "O5'"  sing N N 78  
DG  OP2   HOP2   sing N N 79  
DG  "O5'" "C5'"  sing N N 80  
DG  "C5'" "C4'"  sing N N 81  
DG  "C5'" "H5'"  sing N N 82  
DG  "C5'" "H5''" sing N N 83  
DG  "C4'" "O4'"  sing N N 84  
DG  "C4'" "C3'"  sing N N 85  
DG  "C4'" "H4'"  sing N N 86  
DG  "O4'" "C1'"  sing N N 87  
DG  "C3'" "O3'"  sing N N 88  
DG  "C3'" "C2'"  sing N N 89  
DG  "C3'" "H3'"  sing N N 90  
DG  "O3'" "HO3'" sing N N 91  
DG  "C2'" "C1'"  sing N N 92  
DG  "C2'" "H2'"  sing N N 93  
DG  "C2'" "H2''" sing N N 94  
DG  "C1'" N9     sing N N 95  
DG  "C1'" "H1'"  sing N N 96  
DG  N9    C8     sing Y N 97  
DG  N9    C4     sing Y N 98  
DG  C8    N7     doub Y N 99  
DG  C8    H8     sing N N 100 
DG  N7    C5     sing Y N 101 
DG  C5    C6     sing N N 102 
DG  C5    C4     doub Y N 103 
DG  C6    O6     doub N N 104 
DG  C6    N1     sing N N 105 
DG  N1    C2     sing N N 106 
DG  N1    H1     sing N N 107 
DG  C2    N2     sing N N 108 
DG  C2    N3     doub N N 109 
DG  N2    H21    sing N N 110 
DG  N2    H22    sing N N 111 
DG  N3    C4     sing N N 112 
DT  OP3   P      sing N N 113 
DT  OP3   HOP3   sing N N 114 
DT  P     OP1    doub N N 115 
DT  P     OP2    sing N N 116 
DT  P     "O5'"  sing N N 117 
DT  OP2   HOP2   sing N N 118 
DT  "O5'" "C5'"  sing N N 119 
DT  "C5'" "C4'"  sing N N 120 
DT  "C5'" "H5'"  sing N N 121 
DT  "C5'" "H5''" sing N N 122 
DT  "C4'" "O4'"  sing N N 123 
DT  "C4'" "C3'"  sing N N 124 
DT  "C4'" "H4'"  sing N N 125 
DT  "O4'" "C1'"  sing N N 126 
DT  "C3'" "O3'"  sing N N 127 
DT  "C3'" "C2'"  sing N N 128 
DT  "C3'" "H3'"  sing N N 129 
DT  "O3'" "HO3'" sing N N 130 
DT  "C2'" "C1'"  sing N N 131 
DT  "C2'" "H2'"  sing N N 132 
DT  "C2'" "H2''" sing N N 133 
DT  "C1'" N1     sing N N 134 
DT  "C1'" "H1'"  sing N N 135 
DT  N1    C2     sing N N 136 
DT  N1    C6     sing N N 137 
DT  C2    O2     doub N N 138 
DT  C2    N3     sing N N 139 
DT  N3    C4     sing N N 140 
DT  N3    H3     sing N N 141 
DT  C4    O4     doub N N 142 
DT  C4    C5     sing N N 143 
DT  C5    C7     sing N N 144 
DT  C5    C6     doub N N 145 
DT  C7    H71    sing N N 146 
DT  C7    H72    sing N N 147 
DT  C7    H73    sing N N 148 
DT  C6    H6     sing N N 149 
GSR P     OP1    doub N N 150 
GSR P     OP2    sing N N 151 
GSR P     OP3    sing N N 152 
GSR P     "O5'"  sing N N 153 
GSR OP2   HOP2   sing N N 154 
GSR OP3   HOP3   sing N N 155 
GSR "O5'" "C5'"  sing N N 156 
GSR "C5'" "C4'"  sing N N 157 
GSR "C5'" "H5'"  sing N N 158 
GSR "C5'" "H5''" sing N N 159 
GSR "C4'" "O4'"  sing N N 160 
GSR "C4'" "C3'"  sing N N 161 
GSR "C4'" "H4'"  sing N N 162 
GSR "O4'" "C1'"  sing N N 163 
GSR "C3'" "O3'"  sing N N 164 
GSR "C3'" "C2'"  sing N N 165 
GSR "C3'" "H3'"  sing N N 166 
GSR "O3'" "HO3'" sing N N 167 
GSR "C2'" "C1'"  sing N N 168 
GSR "C2'" "H2'"  sing N N 169 
GSR "C2'" "H2''" sing N N 170 
GSR "C1'" N9     sing N N 171 
GSR "C1'" "H1'"  sing N N 172 
GSR N9    C8     sing Y N 173 
GSR N9    C4     sing Y N 174 
GSR C8    N7     doub Y N 175 
GSR C8    H8     sing N N 176 
GSR N7    C5     sing Y N 177 
GSR C5    C6     sing N N 178 
GSR C5    C4     doub Y N 179 
GSR C6    O6     doub N N 180 
GSR C6    N1     sing N N 181 
GSR N1    C2     sing N N 182 
GSR N1    H1     sing N N 183 
GSR C2    N2     sing N N 184 
GSR C2    N3     doub N N 185 
GSR N2    CA     sing N N 186 
GSR N2    H2     sing N N 187 
GSR N3    C4     sing N N 188 
GSR CA    CB     sing N N 189 
GSR CA    CJ     sing N N 190 
GSR CA    HA     sing N N 191 
GSR CB    OB     sing N N 192 
GSR CB    HB1    sing N N 193 
GSR CB    HB2    sing N N 194 
GSR OB    HB     sing N N 195 
GSR CJ    CO     doub Y N 196 
GSR CJ    "CO'"  sing Y N 197 
GSR CO    CM     sing Y N 198 
GSR CO    HO     sing N N 199 
GSR "CO'" "CM'"  doub Y N 200 
GSR "CO'" "HO'"  sing N N 201 
GSR CM    CP     doub Y N 202 
GSR CM    HM     sing N N 203 
GSR "CM'" CP     sing Y N 204 
GSR "CM'" "HM'"  sing N N 205 
GSR CP    HP     sing N N 206 
# 
loop_
_ndb_struct_conf_na.entry_id 
_ndb_struct_conf_na.feature 
1AF1 'double helix'        
1AF1 'b-form double helix' 
# 
loop_
_ndb_struct_na_base_pair.model_number 
_ndb_struct_na_base_pair.i_label_asym_id 
_ndb_struct_na_base_pair.i_label_comp_id 
_ndb_struct_na_base_pair.i_label_seq_id 
_ndb_struct_na_base_pair.i_symmetry 
_ndb_struct_na_base_pair.j_label_asym_id 
_ndb_struct_na_base_pair.j_label_comp_id 
_ndb_struct_na_base_pair.j_label_seq_id 
_ndb_struct_na_base_pair.j_symmetry 
_ndb_struct_na_base_pair.shear 
_ndb_struct_na_base_pair.stretch 
_ndb_struct_na_base_pair.stagger 
_ndb_struct_na_base_pair.buckle 
_ndb_struct_na_base_pair.propeller 
_ndb_struct_na_base_pair.opening 
_ndb_struct_na_base_pair.pair_number 
_ndb_struct_na_base_pair.pair_name 
_ndb_struct_na_base_pair.i_auth_asym_id 
_ndb_struct_na_base_pair.i_auth_seq_id 
_ndb_struct_na_base_pair.i_PDB_ins_code 
_ndb_struct_na_base_pair.j_auth_asym_id 
_ndb_struct_na_base_pair.j_auth_seq_id 
_ndb_struct_na_base_pair.j_PDB_ins_code 
_ndb_struct_na_base_pair.hbond_type_28 
_ndb_struct_na_base_pair.hbond_type_12 
1 A DG  1  1_555 B DC 11 1_555 -0.584 -0.287 -0.217 -11.567 -4.357  -1.066 1  A_DG1:DC22_B  A 1  ? B 22 ? 19 1 
1 A DG  2  1_555 B DC 10 1_555 -0.567 -0.222 0.061  -1.062  -8.113  -0.193 2  A_DG2:DC21_B  A 2  ? B 21 ? 19 1 
1 A DC  3  1_555 B DG 9  1_555 0.769  -0.353 0.247  -7.789  -3.106  -0.654 3  A_DC3:DG20_B  A 3  ? B 20 ? 19 1 
1 A DA  4  1_555 B DT 8  1_555 0.309  -0.005 -0.033 4.909   -4.690  -3.896 4  A_DA4:DT19_B  A 4  ? B 19 ? 20 1 
1 A DG  5  1_555 B DC 7  1_555 -0.701 -0.306 0.328  18.190  13.239  -1.853 5  A_DG5:DC18_B  A 5  ? B 18 ? 19 1 
1 A GSR 6  1_555 B DC 6  1_555 -1.129 -0.567 -0.769 0.682   -18.670 8.972  6  A_GSR6:DC17_B A 6  ? B 17 ? 19 1 
1 A DT  7  1_555 B DA 5  1_555 0.915  -0.542 -1.046 5.442   -30.148 12.643 7  A_DT7:DA16_B  A 7  ? B 16 ? 20 1 
1 A DG  8  1_555 B DC 4  1_555 -0.808 -0.216 -0.023 -0.960  -6.155  3.557  8  A_DG8:DC15_B  A 8  ? B 15 ? 19 1 
1 A DG  9  1_555 B DC 3  1_555 -0.532 -0.352 -0.377 -6.928  -22.700 0.209  9  A_DG9:DC14_B  A 9  ? B 14 ? 19 1 
1 A DT  10 1_555 B DA 2  1_555 -0.543 -0.163 -0.162 -10.228 -15.252 -4.860 10 A_DT10:DA13_B A 10 ? B 13 ? 20 1 
1 A DG  11 1_555 B DC 1  1_555 -0.663 -0.336 -0.183 -8.066  -13.222 0.537  11 A_DG11:DC12_B A 11 ? B 12 ? 19 1 
# 
loop_
_ndb_struct_na_base_pair_step.model_number 
_ndb_struct_na_base_pair_step.i_label_asym_id_1 
_ndb_struct_na_base_pair_step.i_label_comp_id_1 
_ndb_struct_na_base_pair_step.i_label_seq_id_1 
_ndb_struct_na_base_pair_step.i_symmetry_1 
_ndb_struct_na_base_pair_step.j_label_asym_id_1 
_ndb_struct_na_base_pair_step.j_label_comp_id_1 
_ndb_struct_na_base_pair_step.j_label_seq_id_1 
_ndb_struct_na_base_pair_step.j_symmetry_1 
_ndb_struct_na_base_pair_step.i_label_asym_id_2 
_ndb_struct_na_base_pair_step.i_label_comp_id_2 
_ndb_struct_na_base_pair_step.i_label_seq_id_2 
_ndb_struct_na_base_pair_step.i_symmetry_2 
_ndb_struct_na_base_pair_step.j_label_asym_id_2 
_ndb_struct_na_base_pair_step.j_label_comp_id_2 
_ndb_struct_na_base_pair_step.j_label_seq_id_2 
_ndb_struct_na_base_pair_step.j_symmetry_2 
_ndb_struct_na_base_pair_step.shift 
_ndb_struct_na_base_pair_step.slide 
_ndb_struct_na_base_pair_step.rise 
_ndb_struct_na_base_pair_step.tilt 
_ndb_struct_na_base_pair_step.roll 
_ndb_struct_na_base_pair_step.twist 
_ndb_struct_na_base_pair_step.x_displacement 
_ndb_struct_na_base_pair_step.y_displacement 
_ndb_struct_na_base_pair_step.helical_rise 
_ndb_struct_na_base_pair_step.inclination 
_ndb_struct_na_base_pair_step.tip 
_ndb_struct_na_base_pair_step.helical_twist 
_ndb_struct_na_base_pair_step.step_number 
_ndb_struct_na_base_pair_step.step_name 
_ndb_struct_na_base_pair_step.i_auth_asym_id_1 
_ndb_struct_na_base_pair_step.i_auth_seq_id_1 
_ndb_struct_na_base_pair_step.i_PDB_ins_code_1 
_ndb_struct_na_base_pair_step.j_auth_asym_id_1 
_ndb_struct_na_base_pair_step.j_auth_seq_id_1 
_ndb_struct_na_base_pair_step.j_PDB_ins_code_1 
_ndb_struct_na_base_pair_step.i_auth_asym_id_2 
_ndb_struct_na_base_pair_step.i_auth_seq_id_2 
_ndb_struct_na_base_pair_step.i_PDB_ins_code_2 
_ndb_struct_na_base_pair_step.j_auth_asym_id_2 
_ndb_struct_na_base_pair_step.j_auth_seq_id_2 
_ndb_struct_na_base_pair_step.j_PDB_ins_code_2 
1 A DG  1  1_555 B DC 11 1_555 A DG  2  1_555 B DC 10 1_555 0.136  0.050  2.912 -2.744 6.388   34.499 -0.765 -0.590 2.857 10.637  
4.570   35.172 1  AA_DG1DG2:DC21DC22_BB   A 1  ? B 22 ? A 2  ? B 21 ? 
1 A DG  2  1_555 B DC 10 1_555 A DC  3  1_555 B DG 9  1_555 -0.236 -0.485 3.562 -3.534 -10.539 41.421 0.505  -0.069 3.583 -14.587 
4.891   42.823 2  AA_DG2DC3:DG20DC21_BB   A 2  ? B 21 ? A 3  ? B 20 ? 
1 A DC  3  1_555 B DG 9  1_555 A DA  4  1_555 B DT 8  1_555 0.111  -0.301 2.975 7.032  1.466   32.892 -0.738 0.855  2.920 2.550   
-12.237 33.646 3  AA_DC3DA4:DT19DG20_BB   A 3  ? B 20 ? A 4  ? B 19 ? 
1 A DA  4  1_555 B DT 8  1_555 A DG  5  1_555 B DC 7  1_555 0.212  -0.662 2.853 -2.760 0.984   23.082 -1.933 -1.346 2.778 2.446   
6.863   23.264 4  AA_DA4DG5:DC18DT19_BB   A 4  ? B 19 ? A 5  ? B 18 ? 
1 A DG  5  1_555 B DC 7  1_555 A GSR 6  1_555 B DC 6  1_555 0.745  -0.644 3.608 6.002  18.415  29.989 -3.949 -0.275 2.853 31.763  
-10.353 35.579 5  AA_DG5GSR6:DC17DC18_BB  A 5  ? B 18 ? A 6  ? B 17 ? 
1 A GSR 6  1_555 B DC 6  1_555 A DT  7  1_555 B DA 5  1_555 -0.208 1.232  3.521 7.146  -15.010 52.873 2.239  0.658  3.045 -16.404 
-7.809  55.245 6  AA_GSR6DT7:DA16DC17_BB  A 6  ? B 17 ? A 7  ? B 16 ? 
1 A DT  7  1_555 B DA 5  1_555 A DG  8  1_555 B DC 4  1_555 -0.404 0.084  3.766 -7.463 14.800  26.207 -3.227 -0.948 3.337 29.216  
14.732  30.931 7  AA_DT7DG8:DC15DA16_BB   A 7  ? B 16 ? A 8  ? B 15 ? 
1 A DG  8  1_555 B DC 4  1_555 A DG  9  1_555 B DC 3  1_555 -0.582 0.615  3.458 -0.558 3.867   37.031 0.415  0.833  3.510 6.068   
0.876   37.230 8  AA_DG8DG9:DC14DC15_BB   A 8  ? B 15 ? A 9  ? B 14 ? 
1 A DG  9  1_555 B DC 3  1_555 A DT  10 1_555 B DA 2  1_555 -0.545 0.003  3.307 -0.844 -9.114  37.670 1.137  0.717  3.231 -13.865 
1.284   38.726 9  AA_DG9DT10:DA13DC14_BB  A 9  ? B 14 ? A 10 ? B 13 ? 
1 A DT  10 1_555 B DA 2  1_555 A DG  11 1_555 B DC 1  1_555 0.567  0.266  3.214 -2.648 9.090   34.843 -0.843 -1.286 3.133 14.845  
4.325   36.068 10 AA_DT10DG11:DC12DA13_BB A 10 ? B 13 ? A 11 ? B 12 ? 
# 
_pdbx_nmr_spectrometer.spectrometer_id   1 
_pdbx_nmr_spectrometer.model             AMX500 
_pdbx_nmr_spectrometer.manufacturer      Bruker 
_pdbx_nmr_spectrometer.field_strength    500 
# 
_atom_sites.entry_id                    1AF1 
_atom_sites.fract_transf_matrix[1][1]   1.000000 
_atom_sites.fract_transf_matrix[1][2]   0.000000 
_atom_sites.fract_transf_matrix[1][3]   0.000000 
_atom_sites.fract_transf_matrix[2][1]   0.000000 
_atom_sites.fract_transf_matrix[2][2]   1.000000 
_atom_sites.fract_transf_matrix[2][3]   0.000000 
_atom_sites.fract_transf_matrix[3][1]   0.000000 
_atom_sites.fract_transf_matrix[3][2]   0.000000 
_atom_sites.fract_transf_matrix[3][3]   1.000000 
_atom_sites.fract_transf_vector[1]      0.00000 
_atom_sites.fract_transf_vector[2]      0.00000 
_atom_sites.fract_transf_vector[3]      0.00000 
# 
loop_
_atom_type.symbol 
C 
H 
N 
O 
P 
# 
loop_
_atom_site.group_PDB 
_atom_site.id 
_atom_site.type_symbol 
_atom_site.label_atom_id 
_atom_site.label_alt_id 
_atom_site.label_comp_id 
_atom_site.label_asym_id 
_atom_site.label_entity_id 
_atom_site.label_seq_id 
_atom_site.pdbx_PDB_ins_code 
_atom_site.Cartn_x 
_atom_site.Cartn_y 
_atom_site.Cartn_z 
_atom_site.occupancy 
_atom_site.B_iso_or_equiv 
_atom_site.pdbx_formal_charge 
_atom_site.auth_seq_id 
_atom_site.auth_comp_id 
_atom_site.auth_asym_id 
_atom_site.auth_atom_id 
_atom_site.pdbx_PDB_model_num 
ATOM   1   O "O5'"  . DG  A 1 1  ? -3.643  10.956  -16.542 1.00 1.31 ? 1  DG  A "O5'"  1 
ATOM   2   C "C5'"  . DG  A 1 1  ? -4.719  11.123  -17.468 1.00 1.39 ? 1  DG  A "C5'"  1 
ATOM   3   C "C4'"  . DG  A 1 1  ? -5.591  9.874   -17.539 1.00 1.26 ? 1  DG  A "C4'"  1 
ATOM   4   O "O4'"  . DG  A 1 1  ? -4.828  8.747   -18.028 1.00 1.16 ? 1  DG  A "O4'"  1 
ATOM   5   C "C3'"  . DG  A 1 1  ? -6.138  9.520   -16.164 1.00 1.19 ? 1  DG  A "C3'"  1 
ATOM   6   O "O3'"  . DG  A 1 1  ? -7.569  9.623   -16.141 1.00 1.28 ? 1  DG  A "O3'"  1 
ATOM   7   C "C2'"  . DG  A 1 1  ? -5.688  8.106   -15.893 1.00 1.01 ? 1  DG  A "C2'"  1 
ATOM   8   C "C1'"  . DG  A 1 1  ? -4.981  7.619   -17.144 1.00 0.98 ? 1  DG  A "C1'"  1 
ATOM   9   N N9     . DG  A 1 1  ? -3.670  7.024   -16.815 1.00 0.88 ? 1  DG  A N9     1 
ATOM   10  C C8     . DG  A 1 1  ? -2.545  7.611   -16.332 1.00 0.89 ? 1  DG  A C8     1 
ATOM   11  N N7     . DG  A 1 1  ? -1.515  6.858   -16.134 1.00 0.82 ? 1  DG  A N7     1 
ATOM   12  C C5     . DG  A 1 1  ? -1.997  5.607   -16.528 1.00 0.73 ? 1  DG  A C5     1 
ATOM   13  C C6     . DG  A 1 1  ? -1.343  4.347   -16.550 1.00 0.64 ? 1  DG  A C6     1 
ATOM   14  O O6     . DG  A 1 1  ? -0.192  4.077   -16.217 1.00 0.62 ? 1  DG  A O6     1 
ATOM   15  N N1     . DG  A 1 1  ? -2.184  3.346   -17.017 1.00 0.60 ? 1  DG  A N1     1 
ATOM   16  C C2     . DG  A 1 1  ? -3.493  3.527   -17.414 1.00 0.66 ? 1  DG  A C2     1 
ATOM   17  N N2     . DG  A 1 1  ? -4.141  2.439   -17.829 1.00 0.66 ? 1  DG  A N2     1 
ATOM   18  N N3     . DG  A 1 1  ? -4.115  4.709   -17.398 1.00 0.75 ? 1  DG  A N3     1 
ATOM   19  C C4     . DG  A 1 1  ? -3.316  5.701   -16.947 1.00 0.77 ? 1  DG  A C4     1 
ATOM   20  H "H5'"  . DG  A 1 1  ? -4.309  11.328  -18.457 1.00 1.48 ? 1  DG  A "H5'"  1 
ATOM   21  H "H5''" . DG  A 1 1  ? -5.331  11.968  -17.152 1.00 1.50 ? 1  DG  A "H5''" 1 
ATOM   22  H "H4'"  . DG  A 1 1  ? -6.424  10.060  -18.217 1.00 1.34 ? 1  DG  A "H4'"  1 
ATOM   23  H "H3'"  . DG  A 1 1  ? -5.704  10.189  -15.416 1.00 1.26 ? 1  DG  A "H3'"  1 
ATOM   24  H "H2'"  . DG  A 1 1  ? -5.001  8.092   -15.047 1.00 0.98 ? 1  DG  A "H2'"  1 
ATOM   25  H "H2''" . DG  A 1 1  ? -6.549  7.473   -15.685 1.00 0.98 ? 1  DG  A "H2''" 1 
ATOM   26  H "H1'"  . DG  A 1 1  ? -5.600  6.865   -17.631 1.00 0.97 ? 1  DG  A "H1'"  1 
ATOM   27  H H8     . DG  A 1 1  ? -2.511  8.679   -16.117 1.00 0.99 ? 1  DG  A H8     1 
ATOM   28  H H1     . DG  A 1 1  ? -1.781  2.422   -17.064 1.00 0.56 ? 1  DG  A H1     1 
ATOM   29  H H21    . DG  A 1 1  ? -3.670  1.546   -17.843 1.00 0.63 ? 1  DG  A H21    1 
ATOM   30  H H22    . DG  A 1 1  ? -5.104  2.508   -18.128 1.00 0.73 ? 1  DG  A H22    1 
ATOM   31  H "HO5'" . DG  A 1 1  ? -3.409  10.027  -16.543 1.00 1.67 ? 1  DG  A "HO5'" 1 
ATOM   32  P P      . DG  A 1 2  ? -8.421  9.143   -14.857 1.00 1.30 ? 2  DG  A P      1 
ATOM   33  O OP1    . DG  A 1 2  ? -9.816  9.610   -15.026 1.00 1.83 ? 2  DG  A OP1    1 
ATOM   34  O OP2    . DG  A 1 2  ? -7.669  9.499   -13.635 1.00 1.92 ? 2  DG  A OP2    1 
ATOM   35  O "O5'"  . DG  A 1 2  ? -8.406  7.538   -15.003 1.00 1.19 ? 2  DG  A "O5'"  1 
ATOM   36  C "C5'"  . DG  A 1 2  ? -9.145  6.899   -16.046 1.00 0.90 ? 2  DG  A "C5'"  1 
ATOM   37  C "C4'"  . DG  A 1 2  ? -9.100  5.376   -15.923 1.00 0.87 ? 2  DG  A "C4'"  1 
ATOM   38  O "O4'"  . DG  A 1 2  ? -7.740  4.897   -16.033 1.00 0.79 ? 2  DG  A "O4'"  1 
ATOM   39  C "C3'"  . DG  A 1 2  ? -9.662  4.902   -14.584 1.00 0.87 ? 2  DG  A "C3'"  1 
ATOM   40  O "O3'"  . DG  A 1 2  ? -10.729 3.956   -14.828 1.00 0.94 ? 2  DG  A "O3'"  1 
ATOM   41  C "C2'"  . DG  A 1 2  ? -8.481  4.294   -13.852 1.00 0.78 ? 2  DG  A "C2'"  1 
ATOM   42  C "C1'"  . DG  A 1 2  ? -7.421  4.049   -14.911 1.00 0.73 ? 2  DG  A "C1'"  1 
ATOM   43  N N9     . DG  A 1 2  ? -6.053  4.327   -14.414 1.00 0.68 ? 2  DG  A N9     1 
ATOM   44  C C8     . DG  A 1 2  ? -5.496  5.495   -14.005 1.00 0.75 ? 2  DG  A C8     1 
ATOM   45  N N7     . DG  A 1 2  ? -4.241  5.486   -13.699 1.00 0.70 ? 2  DG  A N7     1 
ATOM   46  C C5     . DG  A 1 2  ? -3.902  4.149   -13.921 1.00 0.58 ? 2  DG  A C5     1 
ATOM   47  C C6     . DG  A 1 2  ? -2.652  3.490   -13.766 1.00 0.50 ? 2  DG  A C6     1 
ATOM   48  O O6     . DG  A 1 2  ? -1.575  3.965   -13.413 1.00 0.52 ? 2  DG  A O6     1 
ATOM   49  N N1     . DG  A 1 2  ? -2.743  2.144   -14.091 1.00 0.43 ? 2  DG  A N1     1 
ATOM   50  C C2     . DG  A 1 2  ? -3.890  1.504   -14.514 1.00 0.43 ? 2  DG  A C2     1 
ATOM   51  N N2     . DG  A 1 2  ? -3.783  0.197   -14.751 1.00 0.40 ? 2  DG  A N2     1 
ATOM   52  N N3     . DG  A 1 2  ? -5.067  2.117   -14.667 1.00 0.50 ? 2  DG  A N3     1 
ATOM   53  C C4     . DG  A 1 2  ? -5.006  3.431   -14.355 1.00 0.58 ? 2  DG  A C4     1 
ATOM   54  H "H5'"  . DG  A 1 2  ? -8.720  7.188   -17.008 1.00 0.99 ? 2  DG  A "H5'"  1 
ATOM   55  H "H5''" . DG  A 1 2  ? -10.182 7.231   -16.000 1.00 1.10 ? 2  DG  A "H5''" 1 
ATOM   56  H "H4'"  . DG  A 1 2  ? -9.692  4.941   -16.726 1.00 0.92 ? 2  DG  A "H4'"  1 
ATOM   57  H "H3'"  . DG  A 1 2  ? -10.036 5.757   -14.018 1.00 0.90 ? 2  DG  A "H3'"  1 
ATOM   58  H "H2'"  . DG  A 1 2  ? -8.107  4.998   -13.106 1.00 0.80 ? 2  DG  A "H2'"  1 
ATOM   59  H "H2''" . DG  A 1 2  ? -8.760  3.359   -13.373 1.00 0.77 ? 2  DG  A "H2''" 1 
ATOM   60  H "H1'"  . DG  A 1 2  ? -7.476  3.009   -15.231 1.00 0.72 ? 2  DG  A "H1'"  1 
ATOM   61  H H8     . DG  A 1 2  ? -6.088  6.406   -13.927 1.00 0.85 ? 2  DG  A H8     1 
ATOM   62  H H1     . DG  A 1 2  ? -1.889  1.612   -14.003 1.00 0.39 ? 2  DG  A H1     1 
ATOM   63  H H21    . DG  A 1 2  ? -2.893  -0.268  -14.630 1.00 0.38 ? 2  DG  A H21    1 
ATOM   64  H H22    . DG  A 1 2  ? -4.592  -0.331  -15.046 1.00 0.43 ? 2  DG  A H22    1 
ATOM   65  P P      . DC  A 1 3  ? -11.047 2.724   -13.840 1.00 1.12 ? 3  DC  A P      1 
ATOM   66  O OP1    . DC  A 1 3  ? -12.168 1.944   -14.428 1.00 1.90 ? 3  DC  A OP1    1 
ATOM   67  O OP2    . DC  A 1 3  ? -11.142 3.256   -12.459 1.00 2.01 ? 3  DC  A OP2    1 
ATOM   68  O "O5'"  . DC  A 1 3  ? -9.708  1.834   -13.957 1.00 0.87 ? 3  DC  A "O5'"  1 
ATOM   69  C "C5'"  . DC  A 1 3  ? -9.547  0.879   -15.018 1.00 0.86 ? 3  DC  A "C5'"  1 
ATOM   70  C "C4'"  . DC  A 1 3  ? -8.720  -0.324  -14.571 1.00 0.70 ? 3  DC  A "C4'"  1 
ATOM   71  O "O4'"  . DC  A 1 3  ? -7.359  0.070   -14.286 1.00 0.60 ? 3  DC  A "O4'"  1 
ATOM   72  C "C3'"  . DC  A 1 3  ? -9.314  -0.937  -13.310 1.00 0.65 ? 3  DC  A "C3'"  1 
ATOM   73  O "O3'"  . DC  A 1 3  ? -9.633  -2.321  -13.514 1.00 0.65 ? 3  DC  A "O3'"  1 
ATOM   74  C "C2'"  . DC  A 1 3  ? -8.259  -0.765  -12.246 1.00 0.56 ? 3  DC  A "C2'"  1 
ATOM   75  C "C1'"  . DC  A 1 3  ? -6.984  -0.375  -12.967 1.00 0.51 ? 3  DC  A "C1'"  1 
ATOM   76  N N1     . DC  A 1 3  ? -6.255  0.682   -12.233 1.00 0.50 ? 3  DC  A N1     1 
ATOM   77  C C2     . DC  A 1 3  ? -4.966  0.395   -11.811 1.00 0.42 ? 3  DC  A C2     1 
ATOM   78  O O2     . DC  A 1 3  ? -4.476  -0.712  -12.022 1.00 0.38 ? 3  DC  A O2     1 
ATOM   79  N N3     . DC  A 1 3  ? -4.272  1.363   -11.154 1.00 0.43 ? 3  DC  A N3     1 
ATOM   80  C C4     . DC  A 1 3  ? -4.815  2.564   -10.920 1.00 0.50 ? 3  DC  A C4     1 
ATOM   81  N N4     . DC  A 1 3  ? -4.097  3.491   -10.285 1.00 0.52 ? 3  DC  A N4     1 
ATOM   82  C C5     . DC  A 1 3  ? -6.145  2.864   -11.349 1.00 0.60 ? 3  DC  A C5     1 
ATOM   83  C C6     . DC  A 1 3  ? -6.826  1.898   -11.998 1.00 0.60 ? 3  DC  A C6     1 
ATOM   84  H "H5'"  . DC  A 1 3  ? -9.052  1.359   -15.861 1.00 0.91 ? 3  DC  A "H5'"  1 
ATOM   85  H "H5''" . DC  A 1 3  ? -10.531 0.530   -15.335 1.00 0.99 ? 3  DC  A "H5''" 1 
ATOM   86  H "H4'"  . DC  A 1 3  ? -8.715  -1.072  -15.367 1.00 0.78 ? 3  DC  A "H4'"  1 
ATOM   87  H "H3'"  . DC  A 1 3  ? -10.213 -0.386  -13.024 1.00 0.76 ? 3  DC  A "H3'"  1 
ATOM   88  H "H2'"  . DC  A 1 3  ? -8.554  0.027   -11.558 1.00 0.64 ? 3  DC  A "H2'"  1 
ATOM   89  H "H2''" . DC  A 1 3  ? -8.111  -1.696  -11.703 1.00 0.51 ? 3  DC  A "H2''" 1 
ATOM   90  H "H1'"  . DC  A 1 3  ? -6.345  -1.254  -13.057 1.00 0.47 ? 3  DC  A "H1'"  1 
ATOM   91  H H41    . DC  A 1 3  ? -3.155  3.281   -9.986  1.00 0.48 ? 3  DC  A H41    1 
ATOM   92  H H42    . DC  A 1 3  ? -4.493  4.404   -10.107 1.00 0.58 ? 3  DC  A H42    1 
ATOM   93  H H5     . DC  A 1 3  ? -6.593  3.839   -11.158 1.00 0.68 ? 3  DC  A H5     1 
ATOM   94  H H6     . DC  A 1 3  ? -7.843  2.089   -12.332 1.00 0.69 ? 3  DC  A H6     1 
ATOM   95  P P      . DA  A 1 4  ? -10.020 -3.273  -12.274 1.00 0.66 ? 4  DA  A P      1 
ATOM   96  O OP1    . DA  A 1 4  ? -10.571 -4.539  -12.810 1.00 1.30 ? 4  DA  A OP1    1 
ATOM   97  O OP2    . DA  A 1 4  ? -10.799 -2.479  -11.299 1.00 1.59 ? 4  DA  A OP2    1 
ATOM   98  O "O5'"  . DA  A 1 4  ? -8.579  -3.580  -11.625 1.00 0.69 ? 4  DA  A "O5'"  1 
ATOM   99  C "C5'"  . DA  A 1 4  ? -7.665  -4.457  -12.285 1.00 0.66 ? 4  DA  A "C5'"  1 
ATOM   100 C "C4'"  . DA  A 1 4  ? -6.700  -5.100  -11.294 1.00 0.57 ? 4  DA  A "C4'"  1 
ATOM   101 O "O4'"  . DA  A 1 4  ? -5.741  -4.131  -10.812 1.00 0.49 ? 4  DA  A "O4'"  1 
ATOM   102 C "C3'"  . DA  A 1 4  ? -7.461  -5.645  -10.091 1.00 0.60 ? 4  DA  A "C3'"  1 
ATOM   103 O "O3'"  . DA  A 1 4  ? -7.065  -6.993  -9.805  1.00 0.62 ? 4  DA  A "O3'"  1 
ATOM   104 C "C2'"  . DA  A 1 4  ? -7.108  -4.717  -8.954  1.00 0.54 ? 4  DA  A "C2'"  1 
ATOM   105 C "C1'"  . DA  A 1 4  ? -5.830  -4.021  -9.376  1.00 0.45 ? 4  DA  A "C1'"  1 
ATOM   106 N N9     . DA  A 1 4  ? -5.804  -2.607  -8.953  1.00 0.42 ? 4  DA  A N9     1 
ATOM   107 C C8     . DA  A 1 4  ? -6.815  -1.708  -8.840  1.00 0.46 ? 4  DA  A C8     1 
ATOM   108 N N7     . DA  A 1 4  ? -6.509  -0.513  -8.458  1.00 0.44 ? 4  DA  A N7     1 
ATOM   109 C C5     . DA  A 1 4  ? -5.124  -0.614  -8.294  1.00 0.36 ? 4  DA  A C5     1 
ATOM   110 C C6     . DA  A 1 4  ? -4.145  0.304   -7.897  1.00 0.32 ? 4  DA  A C6     1 
ATOM   111 N N6     . DA  A 1 4  ? -4.419  1.569   -7.579  1.00 0.34 ? 4  DA  A N6     1 
ATOM   112 N N1     . DA  A 1 4  ? -2.873  -0.131  -7.842  1.00 0.28 ? 4  DA  A N1     1 
ATOM   113 C C2     . DA  A 1 4  ? -2.577  -1.393  -8.157  1.00 0.28 ? 4  DA  A C2     1 
ATOM   114 N N3     . DA  A 1 4  ? -3.423  -2.343  -8.543  1.00 0.32 ? 4  DA  A N3     1 
ATOM   115 C C4     . DA  A 1 4  ? -4.689  -1.885  -8.591  1.00 0.36 ? 4  DA  A C4     1 
ATOM   116 H "H5'"  . DA  A 1 4  ? -7.095  -3.892  -13.023 1.00 0.78 ? 4  DA  A "H5'"  1 
ATOM   117 H "H5''" . DA  A 1 4  ? -8.231  -5.238  -12.792 1.00 0.96 ? 4  DA  A "H5''" 1 
ATOM   118 H "H4'"  . DA  A 1 4  ? -6.171  -5.916  -11.786 1.00 0.58 ? 4  DA  A "H4'"  1 
ATOM   119 H "H3'"  . DA  A 1 4  ? -8.536  -5.602  -10.283 1.00 0.67 ? 4  DA  A "H3'"  1 
ATOM   120 H "H2'"  . DA  A 1 4  ? -7.905  -3.987  -8.815  1.00 0.57 ? 4  DA  A "H2'"  1 
ATOM   121 H "H2''" . DA  A 1 4  ? -6.948  -5.277  -8.035  1.00 0.54 ? 4  DA  A "H2''" 1 
ATOM   122 H "H1'"  . DA  A 1 4  ? -4.982  -4.542  -8.927  1.00 0.43 ? 4  DA  A "H1'"  1 
ATOM   123 H H8     . DA  A 1 4  ? -7.845  -1.984  -9.062  1.00 0.53 ? 4  DA  A H8     1 
ATOM   124 H H61    . DA  A 1 4  ? -3.675  2.190   -7.294  1.00 0.32 ? 4  DA  A H61    1 
ATOM   125 H H62    . DA  A 1 4  ? -5.371  1.903   -7.616  1.00 0.39 ? 4  DA  A H62    1 
ATOM   126 H H2     . DA  A 1 4  ? -1.527  -1.676  -8.091  1.00 0.28 ? 4  DA  A H2     1 
ATOM   127 P P      . DG  A 1 5  ? -7.510  -7.718  -8.435  1.00 0.67 ? 5  DG  A P      1 
ATOM   128 O OP1    . DG  A 1 5  ? -7.471  -9.181  -8.650  1.00 1.15 ? 5  DG  A OP1    1 
ATOM   129 O OP2    . DG  A 1 5  ? -8.753  -7.078  -7.950  1.00 1.73 ? 5  DG  A OP2    1 
ATOM   130 O "O5'"  . DG  A 1 5  ? -6.313  -7.322  -7.430  1.00 0.59 ? 5  DG  A "O5'"  1 
ATOM   131 C "C5'"  . DG  A 1 5  ? -5.035  -7.953  -7.553  1.00 0.57 ? 5  DG  A "C5'"  1 
ATOM   132 C "C4'"  . DG  A 1 5  ? -4.078  -7.535  -6.440  1.00 0.52 ? 5  DG  A "C4'"  1 
ATOM   133 O "O4'"  . DG  A 1 5  ? -3.739  -6.134  -6.541  1.00 0.47 ? 5  DG  A "O4'"  1 
ATOM   134 C "C3'"  . DG  A 1 5  ? -4.699  -7.765  -5.065  1.00 0.54 ? 5  DG  A "C3'"  1 
ATOM   135 O "O3'"  . DG  A 1 5  ? -3.994  -8.791  -4.349  1.00 0.56 ? 5  DG  A "O3'"  1 
ATOM   136 C "C2'"  . DG  A 1 5  ? -4.602  -6.438  -4.353  1.00 0.49 ? 5  DG  A "C2'"  1 
ATOM   137 C "C1'"  . DG  A 1 5  ? -3.728  -5.555  -5.223  1.00 0.45 ? 5  DG  A "C1'"  1 
ATOM   138 N N9     . DG  A 1 5  ? -4.212  -4.161  -5.238  1.00 0.42 ? 5  DG  A N9     1 
ATOM   139 C C8     . DG  A 1 5  ? -5.449  -3.669  -5.513  1.00 0.44 ? 5  DG  A C8     1 
ATOM   140 N N7     . DG  A 1 5  ? -5.610  -2.391  -5.441  1.00 0.41 ? 5  DG  A N7     1 
ATOM   141 C C5     . DG  A 1 5  ? -4.332  -1.959  -5.077  1.00 0.37 ? 5  DG  A C5     1 
ATOM   142 C C6     . DG  A 1 5  ? -3.844  -0.648  -4.834  1.00 0.35 ? 5  DG  A C6     1 
ATOM   143 O O6     . DG  A 1 5  ? -4.459  0.413   -4.888  1.00 0.35 ? 5  DG  A O6     1 
ATOM   144 N N1     . DG  A 1 5  ? -2.498  -0.657  -4.492  1.00 0.34 ? 5  DG  A N1     1 
ATOM   145 C C2     . DG  A 1 5  ? -1.709  -1.787  -4.392  1.00 0.35 ? 5  DG  A C2     1 
ATOM   146 N N2     . DG  A 1 5  ? -0.429  -1.594  -4.056  1.00 0.35 ? 5  DG  A N2     1 
ATOM   147 N N3     . DG  A 1 5  ? -2.158  -3.023  -4.614  1.00 0.36 ? 5  DG  A N3     1 
ATOM   148 C C4     . DG  A 1 5  ? -3.468  -3.039  -4.953  1.00 0.38 ? 5  DG  A C4     1 
ATOM   149 H "H5'"  . DG  A 1 5  ? -4.598  -7.683  -8.515  1.00 0.56 ? 5  DG  A "H5'"  1 
ATOM   150 H "H5''" . DG  A 1 5  ? -5.170  -9.033  -7.514  1.00 0.64 ? 5  DG  A "H5''" 1 
ATOM   151 H "H4'"  . DG  A 1 5  ? -3.166  -8.124  -6.518  1.00 0.53 ? 5  DG  A "H4'"  1 
ATOM   152 H "H3'"  . DG  A 1 5  ? -5.750  -8.044  -5.180  1.00 0.59 ? 5  DG  A "H3'"  1 
ATOM   153 H "H2'"  . DG  A 1 5  ? -5.594  -6.001  -4.249  1.00 0.52 ? 5  DG  A "H2'"  1 
ATOM   154 H "H2''" . DG  A 1 5  ? -4.144  -6.566  -3.374  1.00 0.49 ? 5  DG  A "H2''" 1 
ATOM   155 H "H1'"  . DG  A 1 5  ? -2.713  -5.572  -4.835  1.00 0.44 ? 5  DG  A "H1'"  1 
ATOM   156 H H8     . DG  A 1 5  ? -6.274  -4.330  -5.785  1.00 0.48 ? 5  DG  A H8     1 
ATOM   157 H H1     . DG  A 1 5  ? -2.089  0.248   -4.293  1.00 0.34 ? 5  DG  A H1     1 
ATOM   158 H H21    . DG  A 1 5  ? -0.083  -0.661  -3.889  1.00 1.01 ? 5  DG  A H21    1 
ATOM   159 H H22    . DG  A 1 5  ? 0.193   -2.388  -3.964  1.00 0.87 ? 5  DG  A H22    1 
HETATM 160 P P      . GSR A 1 6  ? -4.296  -9.079  -2.790  1.00 0.59 ? 6  GSR A P      1 
HETATM 161 O OP1    . GSR A 1 6  ? -3.786  -10.432 -2.465  1.00 1.25 ? 6  GSR A OP1    1 
HETATM 162 O OP2    . GSR A 1 6  ? -5.707  -8.733  -2.513  1.00 1.57 ? 6  GSR A OP2    1 
HETATM 163 O "O5'"  . GSR A 1 6  ? -3.363  -7.996  -2.051  1.00 0.53 ? 6  GSR A "O5'"  1 
HETATM 164 C "C5'"  . GSR A 1 6  ? -1.944  -8.052  -2.201  1.00 0.54 ? 6  GSR A "C5'"  1 
HETATM 165 C "C4'"  . GSR A 1 6  ? -1.250  -6.876  -1.521  1.00 0.51 ? 6  GSR A "C4'"  1 
HETATM 166 O "O4'"  . GSR A 1 6  ? -1.636  -5.626  -2.128  1.00 0.47 ? 6  GSR A "O4'"  1 
HETATM 167 C "C3'"  . GSR A 1 6  ? -1.612  -6.808  -0.041  1.00 0.51 ? 6  GSR A "C3'"  1 
HETATM 168 O "O3'"  . GSR A 1 6  ? -0.478  -7.131  0.776   1.00 0.53 ? 6  GSR A "O3'"  1 
HETATM 169 C "C2'"  . GSR A 1 6  ? -2.074  -5.389  0.199   1.00 0.51 ? 6  GSR A "C2'"  1 
HETATM 170 C "C1'"  . GSR A 1 6  ? -1.845  -4.640  -1.100  1.00 0.49 ? 6  GSR A "C1'"  1 
HETATM 171 N N9     . GSR A 1 6  ? -2.982  -3.753  -1.426  1.00 0.49 ? 6  GSR A N9     1 
HETATM 172 C C8     . GSR A 1 6  ? -4.219  -4.045  -1.899  1.00 0.48 ? 6  GSR A C8     1 
HETATM 173 N N7     . GSR A 1 6  ? -5.027  -3.057  -2.108  1.00 0.50 ? 6  GSR A N7     1 
HETATM 174 C C5     . GSR A 1 6  ? -4.241  -1.963  -1.730  1.00 0.53 ? 6  GSR A C5     1 
HETATM 175 C C6     . GSR A 1 6  ? -4.545  -0.574  -1.721  1.00 0.59 ? 6  GSR A C6     1 
HETATM 176 O O6     . GSR A 1 6  ? -5.589  -0.015  -2.060  1.00 0.62 ? 6  GSR A O6     1 
HETATM 177 N N1     . GSR A 1 6  ? -3.468  0.178   -1.265  1.00 0.66 ? 6  GSR A N1     1 
HETATM 178 C C2     . GSR A 1 6  ? -2.251  -0.339  -0.869  1.00 0.67 ? 6  GSR A C2     1 
HETATM 179 N N2     . GSR A 1 6  ? -1.326  0.523   -0.449  1.00 0.77 ? 6  GSR A N2     1 
HETATM 180 N N3     . GSR A 1 6  ? -1.965  -1.640  -0.875  1.00 0.60 ? 6  GSR A N3     1 
HETATM 181 C C4     . GSR A 1 6  ? -2.992  -2.388  -1.311  1.00 0.53 ? 6  GSR A C4     1 
HETATM 182 C CA     . GSR A 1 6  ? 0.000   0.000   0.000   1.00 0.81 ? 6  GSR A CA     1 
HETATM 183 C CB     . GSR A 1 6  ? 1.010   0.120   -1.141  1.00 0.81 ? 6  GSR A CB     1 
HETATM 184 O OB     . GSR A 1 6  ? 2.316   -0.196  -0.668  1.00 1.33 ? 6  GSR A OB     1 
HETATM 185 C CJ     . GSR A 1 6  ? 0.475   0.764   1.221   1.00 0.90 ? 6  GSR A CJ     1 
HETATM 186 C CO     . GSR A 1 6  ? -0.058  2.012   1.538   1.00 0.55 ? 6  GSR A CO     1 
HETATM 187 C "CO'"  . GSR A 1 6  ? 1.454   0.202   2.046   1.00 2.08 ? 6  GSR A "CO'"  1 
HETATM 188 C CM     . GSR A 1 6  ? 0.397   2.700   2.682   1.00 0.50 ? 6  GSR A CM     1 
HETATM 189 C "CM'"  . GSR A 1 6  ? 1.902   0.893   3.180   1.00 2.19 ? 6  GSR A "CM'"  1 
HETATM 190 C CP     . GSR A 1 6  ? 1.371   2.137   3.500   1.00 1.10 ? 6  GSR A CP     1 
HETATM 191 H "H5'"  . GSR A 1 6  ? -1.701  -8.041  -3.263  1.00 0.56 ? 6  GSR A "H5'"  1 
HETATM 192 H "H5''" . GSR A 1 6  ? -1.581  -8.981  -1.762  1.00 0.59 ? 6  GSR A "H5''" 1 
HETATM 193 H "H4'"  . GSR A 1 6  ? -0.170  -6.997  -1.618  1.00 0.54 ? 6  GSR A "H4'"  1 
HETATM 194 H "H3'"  . GSR A 1 6  ? -2.432  -7.500  0.166   1.00 0.53 ? 6  GSR A "H3'"  1 
HETATM 195 H "H2'"  . GSR A 1 6  ? -3.133  -5.383  0.455   1.00 0.52 ? 6  GSR A "H2'"  1 
HETATM 196 H "H2''" . GSR A 1 6  ? -1.492  -4.934  1.001   1.00 0.54 ? 6  GSR A "H2''" 1 
HETATM 197 H "H1'"  . GSR A 1 6  ? -0.941  -4.036  -1.002  1.00 0.53 ? 6  GSR A "H1'"  1 
HETATM 198 H H8     . GSR A 1 6  ? -4.520  -5.072  -2.092  1.00 0.48 ? 6  GSR A H8     1 
HETATM 199 H H1     . GSR A 1 6  ? -3.613  1.175   -1.224  1.00 0.72 ? 6  GSR A H1     1 
HETATM 200 H H2     . GSR A 1 6  ? -1.518  1.516   -0.435  1.00 0.83 ? 6  GSR A H2     1 
HETATM 201 H HA     . GSR A 1 6  ? -0.107  -1.043  0.258   1.00 0.80 ? 6  GSR A HA     1 
HETATM 202 H HB1    . GSR A 1 6  ? 0.988   1.127   -1.532  1.00 1.15 ? 6  GSR A HB1    1 
HETATM 203 H HB2    . GSR A 1 6  ? 0.745   -0.567  -1.929  1.00 1.30 ? 6  GSR A HB2    1 
HETATM 204 H HB     . GSR A 1 6  ? 2.304   -0.141  0.286   1.00 1.72 ? 6  GSR A HB     1 
HETATM 205 H HO     . GSR A 1 6  ? -0.819  2.446   0.907   1.00 1.38 ? 6  GSR A HO     1 
HETATM 206 H "HO'"  . GSR A 1 6  ? 1.859   -0.773  1.804   1.00 2.95 ? 6  GSR A "HO'"  1 
HETATM 207 H HM     . GSR A 1 6  ? -0.013  3.663   2.930   1.00 1.20 ? 6  GSR A HM     1 
HETATM 208 H "HM'"  . GSR A 1 6  ? 2.655   0.456   3.809   1.00 3.13 ? 6  GSR A "HM'"  1 
HETATM 209 H HP     . GSR A 1 6  ? 1.715   2.661   4.379   1.00 1.18 ? 6  GSR A HP     1 
ATOM   210 P P      . DT  A 1 7  ? -0.601  -7.195  2.384   1.00 0.56 ? 7  DT  A P      1 
ATOM   211 O OP1    . DT  A 1 7  ? 0.420   -8.140  2.887   1.00 1.67 ? 7  DT  A OP1    1 
ATOM   212 O OP2    . DT  A 1 7  ? -2.024  -7.388  2.738   1.00 1.08 ? 7  DT  A OP2    1 
ATOM   213 O "O5'"  . DT  A 1 7  ? -0.171  -5.709  2.828   1.00 0.50 ? 7  DT  A "O5'"  1 
ATOM   214 C "C5'"  . DT  A 1 7  ? 1.153   -5.229  2.577   1.00 0.50 ? 7  DT  A "C5'"  1 
ATOM   215 C "C4'"  . DT  A 1 7  ? 1.247   -3.724  2.787   1.00 0.50 ? 7  DT  A "C4'"  1 
ATOM   216 O "O4'"  . DT  A 1 7  ? 0.270   -3.035  1.978   1.00 0.53 ? 7  DT  A "O4'"  1 
ATOM   217 C "C3'"  . DT  A 1 7  ? 0.992   -3.368  4.243   1.00 0.46 ? 7  DT  A "C3'"  1 
ATOM   218 O "O3'"  . DT  A 1 7  ? 2.211   -2.996  4.899   1.00 0.47 ? 7  DT  A "O3'"  1 
ATOM   219 C "C2'"  . DT  A 1 7  ? 0.012   -2.223  4.216   1.00 0.49 ? 7  DT  A "C2'"  1 
ATOM   220 C "C1'"  . DT  A 1 7  ? -0.508  -2.132  2.794   1.00 0.54 ? 7  DT  A "C1'"  1 
ATOM   221 N N1     . DT  A 1 7  ? -1.941  -2.465  2.731   1.00 0.55 ? 7  DT  A N1     1 
ATOM   222 C C2     . DT  A 1 7  ? -2.797  -1.490  2.256   1.00 0.59 ? 7  DT  A C2     1 
ATOM   223 O O2     . DT  A 1 7  ? -2.402  -0.375  1.923   1.00 0.63 ? 7  DT  A O2     1 
ATOM   224 N N3     . DT  A 1 7  ? -4.129  -1.831  2.197   1.00 0.62 ? 7  DT  A N3     1 
ATOM   225 C C4     . DT  A 1 7  ? -4.678  -3.043  2.570   1.00 0.62 ? 7  DT  A C4     1 
ATOM   226 O O4     . DT  A 1 7  ? -5.889  -3.234  2.476   1.00 0.68 ? 7  DT  A O4     1 
ATOM   227 C C5     . DT  A 1 7  ? -3.710  -4.000  3.060   1.00 0.57 ? 7  DT  A C5     1 
ATOM   228 C C7     . DT  A 1 7  ? -4.179  -5.372  3.530   1.00 0.59 ? 7  DT  A C7     1 
ATOM   229 C C6     . DT  A 1 7  ? -2.401  -3.692  3.123   1.00 0.53 ? 7  DT  A C6     1 
ATOM   230 H "H5'"  . DT  A 1 7  ? 1.427   -5.462  1.548   1.00 0.54 ? 7  DT  A "H5'"  1 
ATOM   231 H "H5''" . DT  A 1 7  ? 1.849   -5.727  3.252   1.00 0.50 ? 7  DT  A "H5''" 1 
ATOM   232 H "H4'"  . DT  A 1 7  ? 2.243   -3.386  2.505   1.00 0.53 ? 7  DT  A "H4'"  1 
ATOM   233 H "H3'"  . DT  A 1 7  ? 0.536   -4.219  4.754   1.00 0.44 ? 7  DT  A "H3'"  1 
ATOM   234 H "H2'"  . DT  A 1 7  ? -0.809  -2.413  4.907   1.00 0.49 ? 7  DT  A "H2'"  1 
ATOM   235 H "H2''" . DT  A 1 7  ? 0.517   -1.296  4.484   1.00 0.52 ? 7  DT  A "H2''" 1 
ATOM   236 H "H1'"  . DT  A 1 7  ? -0.369  -1.119  2.430   1.00 0.59 ? 7  DT  A "H1'"  1 
ATOM   237 H H3     . DT  A 1 7  ? -4.761  -1.128  1.851   1.00 0.67 ? 7  DT  A H3     1 
ATOM   238 H H71    . DT  A 1 7  ? -3.509  -6.138  3.139   1.00 1.30 ? 7  DT  A H71    1 
ATOM   239 H H72    . DT  A 1 7  ? -5.190  -5.554  3.167   1.00 0.98 ? 7  DT  A H72    1 
ATOM   240 H H73    . DT  A 1 7  ? -4.171  -5.403  4.619   1.00 1.12 ? 7  DT  A H73    1 
ATOM   241 H H6     . DT  A 1 7  ? -1.693  -4.434  3.494   1.00 0.51 ? 7  DT  A H6     1 
ATOM   242 P P      . DG  A 1 8  ? 2.291   -2.888  6.504   1.00 0.45 ? 8  DG  A P      1 
ATOM   243 O OP1    . DG  A 1 8  ? 3.714   -2.718  6.880   1.00 1.45 ? 8  DG  A OP1    1 
ATOM   244 O OP2    . DG  A 1 8  ? 1.500   -3.996  7.087   1.00 1.26 ? 8  DG  A OP2    1 
ATOM   245 O "O5'"  . DG  A 1 8  ? 1.524   -1.503  6.802   1.00 0.44 ? 8  DG  A "O5'"  1 
ATOM   246 C "C5'"  . DG  A 1 8  ? 2.079   -0.264  6.347   1.00 0.47 ? 8  DG  A "C5'"  1 
ATOM   247 C "C4'"  . DG  A 1 8  ? 1.398   0.939   6.988   1.00 0.47 ? 8  DG  A "C4'"  1 
ATOM   248 O "O4'"  . DG  A 1 8  ? 0.061   1.103   6.473   1.00 0.47 ? 8  DG  A "O4'"  1 
ATOM   249 C "C3'"  . DG  A 1 8  ? 1.320   0.786   8.500   1.00 0.50 ? 8  DG  A "C3'"  1 
ATOM   250 O "O3'"  . DG  A 1 8  ? 1.970   1.914   9.120   1.00 0.57 ? 8  DG  A "O3'"  1 
ATOM   251 C "C2'"  . DG  A 1 8  ? -0.159  0.703   8.819   1.00 0.50 ? 8  DG  A "C2'"  1 
ATOM   252 C "C1'"  . DG  A 1 8  ? -0.897  1.106   7.550   1.00 0.47 ? 8  DG  A "C1'"  1 
ATOM   253 N N9     . DG  A 1 8  ? -2.020  0.198   7.228   1.00 0.45 ? 8  DG  A N9     1 
ATOM   254 C C8     . DG  A 1 8  ? -2.039  -1.152  7.081   1.00 0.46 ? 8  DG  A C8     1 
ATOM   255 N N7     . DG  A 1 8  ? -3.141  -1.696  6.677   1.00 0.44 ? 8  DG  A N7     1 
ATOM   256 C C5     . DG  A 1 8  ? -3.975  -0.585  6.534   1.00 0.43 ? 8  DG  A C5     1 
ATOM   257 C C6     . DG  A 1 8  ? -5.331  -0.510  6.114   1.00 0.43 ? 8  DG  A C6     1 
ATOM   258 O O6     . DG  A 1 8  ? -6.075  -1.423  5.760   1.00 0.44 ? 8  DG  A O6     1 
ATOM   259 N N1     . DG  A 1 8  ? -5.792  0.800   6.112   1.00 0.44 ? 8  DG  A N1     1 
ATOM   260 C C2     . DG  A 1 8  ? -5.047  1.907   6.470   1.00 0.44 ? 8  DG  A C2     1 
ATOM   261 N N2     . DG  A 1 8  ? -5.672  3.083   6.414   1.00 0.45 ? 8  DG  A N2     1 
ATOM   262 N N3     . DG  A 1 8  ? -3.772  1.845   6.863   1.00 0.44 ? 8  DG  A N3     1 
ATOM   263 C C4     . DG  A 1 8  ? -3.299  0.579   6.874   1.00 0.44 ? 8  DG  A C4     1 
ATOM   264 H "H5'"  . DG  A 1 8  ? 1.959   -0.201  5.271   1.00 0.49 ? 8  DG  A "H5'"  1 
ATOM   265 H "H5''" . DG  A 1 8  ? 3.142   -0.238  6.587   1.00 0.53 ? 8  DG  A "H5''" 1 
ATOM   266 H "H4'"  . DG  A 1 8  ? 1.976   1.834   6.755   1.00 0.48 ? 8  DG  A "H4'"  1 
ATOM   267 H "H3'"  . DG  A 1 8  ? 1.809   -0.143  8.803   1.00 0.53 ? 8  DG  A "H3'"  1 
ATOM   268 H "H2'"  . DG  A 1 8  ? -0.419  -0.320  9.094   1.00 0.50 ? 8  DG  A "H2'"  1 
ATOM   269 H "H2''" . DG  A 1 8  ? -0.412  1.381   9.630   1.00 0.56 ? 8  DG  A "H2''" 1 
ATOM   270 H "H1'"  . DG  A 1 8  ? -1.284  2.118   7.675   1.00 0.50 ? 8  DG  A "H1'"  1 
ATOM   271 H H8     . DG  A 1 8  ? -1.159  -1.757  7.298   1.00 0.48 ? 8  DG  A H8     1 
ATOM   272 H H1     . DG  A 1 8  ? -6.750  0.928   5.818   1.00 0.45 ? 8  DG  A H1     1 
ATOM   273 H H21    . DG  A 1 8  ? -6.637  3.130   6.116   1.00 0.46 ? 8  DG  A H21    1 
ATOM   274 H H22    . DG  A 1 8  ? -5.181  3.927   6.672   1.00 0.46 ? 8  DG  A H22    1 
ATOM   275 P P      . DG  A 1 9  ? 1.617   2.421   10.607  1.00 1.11 ? 9  DG  A P      1 
ATOM   276 O OP1    . DG  A 1 9  ? 2.657   3.391   11.023  1.00 1.93 ? 9  DG  A OP1    1 
ATOM   277 O OP2    . DG  A 1 9  ? 1.328   1.243   11.449  1.00 2.18 ? 9  DG  A OP2    1 
ATOM   278 O "O5'"  . DG  A 1 9  ? 0.243   3.225   10.385  1.00 0.96 ? 9  DG  A "O5'"  1 
ATOM   279 C "C5'"  . DG  A 1 9  ? 0.246   4.568   9.893   1.00 1.01 ? 9  DG  A "C5'"  1 
ATOM   280 C "C4'"  . DG  A 1 9  ? -1.095  5.245   10.146  1.00 0.86 ? 9  DG  A "C4'"  1 
ATOM   281 O "O4'"  . DG  A 1 9  ? -2.162  4.496   9.520   1.00 0.78 ? 9  DG  A "O4'"  1 
ATOM   282 C "C3'"  . DG  A 1 9  ? -1.383  5.316   11.641  1.00 0.76 ? 9  DG  A "C3'"  1 
ATOM   283 O "O3'"  . DG  A 1 9  ? -1.716  6.658   12.031  1.00 0.80 ? 9  DG  A "O3'"  1 
ATOM   284 C "C2'"  . DG  A 1 9  ? -2.539  4.378   11.867  1.00 0.61 ? 9  DG  A "C2'"  1 
ATOM   285 C "C1'"  . DG  A 1 9  ? -3.147  4.123   10.505  1.00 0.62 ? 9  DG  A "C1'"  1 
ATOM   286 N N9     . DG  A 1 9  ? -3.554  2.710   10.357  1.00 0.55 ? 9  DG  A N9     1 
ATOM   287 C C8     . DG  A 1 9  ? -2.853  1.569   10.580  1.00 0.52 ? 9  DG  A C8     1 
ATOM   288 N N7     . DG  A 1 9  ? -3.453  0.446   10.364  1.00 0.50 ? 9  DG  A N7     1 
ATOM   289 C C5     . DG  A 1 9  ? -4.716  0.875   9.945   1.00 0.52 ? 9  DG  A C5     1 
ATOM   290 C C6     . DG  A 1 9  ? -5.852  0.118   9.555   1.00 0.55 ? 9  DG  A C6     1 
ATOM   291 O O6     . DG  A 1 9  ? -5.973  -1.103  9.493   1.00 0.57 ? 9  DG  A O6     1 
ATOM   292 N N1     . DG  A 1 9  ? -6.916  0.940   9.209   1.00 0.57 ? 9  DG  A N1     1 
ATOM   293 C C2     . DG  A 1 9  ? -6.897  2.319   9.233   1.00 0.58 ? 9  DG  A C2     1 
ATOM   294 N N2     . DG  A 1 9  ? -8.021  2.936   8.866   1.00 0.62 ? 9  DG  A N2     1 
ATOM   295 N N3     . DG  A 1 9  ? -5.835  3.038   9.597   1.00 0.57 ? 9  DG  A N3     1 
ATOM   296 C C4     . DG  A 1 9  ? -4.785  2.260   9.939   1.00 0.54 ? 9  DG  A C4     1 
ATOM   297 H "H5'"  . DG  A 1 9  ? 0.445   4.554   8.822   1.00 1.29 ? 9  DG  A "H5'"  1 
ATOM   298 H "H5''" . DG  A 1 9  ? 1.033   5.132   10.398  1.00 1.32 ? 9  DG  A "H5''" 1 
ATOM   299 H "H4'"  . DG  A 1 9  ? -1.074  6.253   9.735   1.00 0.95 ? 9  DG  A "H4'"  1 
ATOM   300 H "H3'"  . DG  A 1 9  ? -0.510  4.968   12.199  1.00 0.83 ? 9  DG  A "H3'"  1 
ATOM   301 H "H2'"  . DG  A 1 9  ? -2.177  3.446   12.297  1.00 0.59 ? 9  DG  A "H2'"  1 
ATOM   302 H "H2''" . DG  A 1 9  ? -3.276  4.833   12.525  1.00 0.59 ? 9  DG  A "H2''" 1 
ATOM   303 H "H1'"  . DG  A 1 9  ? -4.024  4.759   10.387  1.00 0.62 ? 9  DG  A "H1'"  1 
ATOM   304 H H8     . DG  A 1 9  ? -1.825  1.600   10.937  1.00 0.52 ? 9  DG  A H8     1 
ATOM   305 H H1     . DG  A 1 9  ? -7.762  0.467   8.924   1.00 0.60 ? 9  DG  A H1     1 
ATOM   306 H H21    . DG  A 1 9  ? -8.827  2.393   8.590   1.00 0.64 ? 9  DG  A H21    1 
ATOM   307 H H22    . DG  A 1 9  ? -8.065  3.944   8.867   1.00 0.64 ? 9  DG  A H22    1 
ATOM   308 P P      . DT  A 1 10 ? -2.403  6.975   13.459  1.00 0.80 ? 10 DT  A P      1 
ATOM   309 O OP1    . DT  A 1 10 ? -2.106  8.384   13.806  1.00 1.74 ? 10 DT  A OP1    1 
ATOM   310 O OP2    . DT  A 1 10 ? -2.049  5.892   14.403  1.00 1.31 ? 10 DT  A OP2    1 
ATOM   311 O "O5'"  . DT  A 1 10 ? -3.978  6.855   13.129  1.00 0.78 ? 10 DT  A "O5'"  1 
ATOM   312 C "C5'"  . DT  A 1 10 ? -4.615  7.842   12.313  1.00 1.05 ? 10 DT  A "C5'"  1 
ATOM   313 C "C4'"  . DT  A 1 10 ? -6.117  7.591   12.152  1.00 0.91 ? 10 DT  A "C4'"  1 
ATOM   314 O "O4'"  . DT  A 1 10 ? -6.367  6.278   11.608  1.00 0.76 ? 10 DT  A "O4'"  1 
ATOM   315 C "C3'"  . DT  A 1 10 ? -6.848  7.696   13.486  1.00 0.91 ? 10 DT  A "C3'"  1 
ATOM   316 O "O3'"  . DT  A 1 10 ? -7.712  8.845   13.503  1.00 1.03 ? 10 DT  A "O3'"  1 
ATOM   317 C "C2'"  . DT  A 1 10 ? -7.647  6.421   13.618  1.00 0.77 ? 10 DT  A "C2'"  1 
ATOM   318 C "C1'"  . DT  A 1 10 ? -7.430  5.633   12.339  1.00 0.66 ? 10 DT  A "C1'"  1 
ATOM   319 N N1     . DT  A 1 10 ? -7.088  4.226   12.633  1.00 0.55 ? 10 DT  A N1     1 
ATOM   320 C C2     . DT  A 1 10 ? -7.995  3.247   12.260  1.00 0.54 ? 10 DT  A C2     1 
ATOM   321 O O2     . DT  A 1 10 ? -9.066  3.513   11.715  1.00 0.59 ? 10 DT  A O2     1 
ATOM   322 N N3     . DT  A 1 10 ? -7.629  1.945   12.540  1.00 0.52 ? 10 DT  A N3     1 
ATOM   323 C C4     . DT  A 1 10 ? -6.458  1.544   13.152  1.00 0.50 ? 10 DT  A C4     1 
ATOM   324 O O4     . DT  A 1 10 ? -6.232  0.352   13.348  1.00 0.55 ? 10 DT  A O4     1 
ATOM   325 C C5     . DT  A 1 10 ? -5.577  2.630   13.507  1.00 0.49 ? 10 DT  A C5     1 
ATOM   326 C C7     . DT  A 1 10 ? -4.251  2.324   14.191  1.00 0.51 ? 10 DT  A C7     1 
ATOM   327 C C6     . DT  A 1 10 ? -5.908  3.908   13.244  1.00 0.53 ? 10 DT  A C6     1 
ATOM   328 H "H5'"  . DT  A 1 10 ? -4.150  7.833   11.328  1.00 1.62 ? 10 DT  A "H5'"  1 
ATOM   329 H "H5''" . DT  A 1 10 ? -4.466  8.821   12.768  1.00 1.40 ? 10 DT  A "H5''" 1 
ATOM   330 H "H4'"  . DT  A 1 10 ? -6.526  8.335   11.470  1.00 1.04 ? 10 DT  A "H4'"  1 
ATOM   331 H "H3'"  . DT  A 1 10 ? -6.122  7.759   14.301  1.00 1.01 ? 10 DT  A "H3'"  1 
ATOM   332 H "H2'"  . DT  A 1 10 ? -7.293  5.850   14.475  1.00 0.76 ? 10 DT  A "H2'"  1 
ATOM   333 H "H2''" . DT  A 1 10 ? -8.706  6.654   13.735  1.00 0.84 ? 10 DT  A "H2''" 1 
ATOM   334 H "H1'"  . DT  A 1 10 ? -8.344  5.664   11.743  1.00 0.70 ? 10 DT  A "H1'"  1 
ATOM   335 H H3     . DT  A 1 10 ? -8.277  1.219   12.276  1.00 0.57 ? 10 DT  A H3     1 
ATOM   336 H H71    . DT  A 1 10 ? -4.218  1.270   14.462  1.00 1.14 ? 10 DT  A H71    1 
ATOM   337 H H72    . DT  A 1 10 ? -4.159  2.936   15.087  1.00 1.03 ? 10 DT  A H72    1 
ATOM   338 H H73    . DT  A 1 10 ? -3.434  2.550   13.509  1.00 1.22 ? 10 DT  A H73    1 
ATOM   339 H H6     . DT  A 1 10 ? -5.222  4.706   13.526  1.00 0.59 ? 10 DT  A H6     1 
ATOM   340 P P      . DG  A 1 11 ? -8.594  9.217   14.805  1.00 1.16 ? 11 DG  A P      1 
ATOM   341 O OP1    . DG  A 1 11 ? -9.202  10.548  14.578  1.00 2.03 ? 11 DG  A OP1    1 
ATOM   342 O OP2    . DG  A 1 11 ? -7.771  8.982   16.011  1.00 1.50 ? 11 DG  A OP2    1 
ATOM   343 O "O5'"  . DG  A 1 11 ? -9.771  8.112   14.777  1.00 1.13 ? 11 DG  A "O5'"  1 
ATOM   344 C "C5'"  . DG  A 1 11 ? -10.981 8.351   14.048  1.00 1.39 ? 11 DG  A "C5'"  1 
ATOM   345 C "C4'"  . DG  A 1 11 ? -11.930 7.154   14.107  1.00 1.24 ? 11 DG  A "C4'"  1 
ATOM   346 O "O4'"  . DG  A 1 11 ? -11.261 5.941   13.709  1.00 1.03 ? 11 DG  A "O4'"  1 
ATOM   347 C "C3'"  . DG  A 1 11 ? -12.465 6.941   15.517  1.00 1.27 ? 11 DG  A "C3'"  1 
ATOM   348 O "O3'"  . DG  A 1 11 ? -13.810 7.416   15.640  1.00 1.38 ? 11 DG  A "O3'"  1 
ATOM   349 C "C2'"  . DG  A 1 11 ? -12.388 5.454   15.761  1.00 1.11 ? 11 DG  A "C2'"  1 
ATOM   350 C "C1'"  . DG  A 1 11 ? -11.695 4.850   14.550  1.00 0.95 ? 11 DG  A "C1'"  1 
ATOM   351 N N9     . DG  A 1 11 ? -10.558 4.005   14.960  1.00 0.84 ? 11 DG  A N9     1 
ATOM   352 C C8     . DG  A 1 11 ? -9.332  4.361   15.419  1.00 0.84 ? 11 DG  A C8     1 
ATOM   353 N N7     . DG  A 1 11 ? -8.503  3.415   15.709  1.00 0.78 ? 11 DG  A N7     1 
ATOM   354 C C5     . DG  A 1 11 ? -9.257  2.276   15.411  1.00 0.73 ? 11 DG  A C5     1 
ATOM   355 C C6     . DG  A 1 11 ? -8.913  0.904   15.517  1.00 0.73 ? 11 DG  A C6     1 
ATOM   356 O O6     . DG  A 1 11 ? -7.853  0.410   15.896  1.00 0.76 ? 11 DG  A O6     1 
ATOM   357 N N1     . DG  A 1 11 ? -9.959  0.085   15.119  1.00 0.73 ? 11 DG  A N1     1 
ATOM   358 C C2     . DG  A 1 11 ? -11.190 0.524   14.671  1.00 0.74 ? 11 DG  A C2     1 
ATOM   359 N N2     . DG  A 1 11 ? -12.068 -0.420  14.333  1.00 0.78 ? 11 DG  A N2     1 
ATOM   360 N N3     . DG  A 1 11 ? -11.522 1.813   14.570  1.00 0.76 ? 11 DG  A N3     1 
ATOM   361 C C4     . DG  A 1 11 ? -10.517 2.631   14.953  1.00 0.76 ? 11 DG  A C4     1 
ATOM   362 H "H5'"  . DG  A 1 11 ? -10.732 8.553   13.006  1.00 1.88 ? 11 DG  A "H5'"  1 
ATOM   363 H "H5''" . DG  A 1 11 ? -11.483 9.222   14.471  1.00 1.87 ? 11 DG  A "H5''" 1 
ATOM   364 H "H4'"  . DG  A 1 11 ? -12.769 7.331   13.433  1.00 1.33 ? 11 DG  A "H4'"  1 
ATOM   365 H "H3'"  . DG  A 1 11 ? -11.819 7.457   16.232  1.00 1.37 ? 11 DG  A "H3'"  1 
ATOM   366 H "HO3'" . DG  A 1 11 ? -14.182 7.449   14.759  1.00 1.59 ? 11 DG  A "HO3'" 1 
ATOM   367 H "H2'"  . DG  A 1 11 ? -11.807 5.254   16.662  1.00 1.15 ? 11 DG  A "H2'"  1 
ATOM   368 H "H2''" . DG  A 1 11 ? -13.390 5.037   15.865  1.00 1.14 ? 11 DG  A "H2''" 1 
ATOM   369 H "H1'"  . DG  A 1 11 ? -12.410 4.240   13.998  1.00 0.92 ? 11 DG  A "H1'"  1 
ATOM   370 H H8     . DG  A 1 11 ? -9.059  5.408   15.544  1.00 0.91 ? 11 DG  A H8     1 
ATOM   371 H H1     . DG  A 1 11 ? -9.781  -0.907  15.165  1.00 0.77 ? 11 DG  A H1     1 
ATOM   372 H H21    . DG  A 1 11 ? -11.818 -1.395  14.416  1.00 0.80 ? 11 DG  A H21    1 
ATOM   373 H H22    . DG  A 1 11 ? -12.984 -0.160  13.996  1.00 0.81 ? 11 DG  A H22    1 
ATOM   374 O "O5'"  . DC  B 2 1  ? -9.061  -8.516  15.574  1.00 1.84 ? 12 DC  B "O5'"  1 
ATOM   375 C "C5'"  . DC  B 2 1  ? -10.426 -8.873  15.791  1.00 1.33 ? 12 DC  B "C5'"  1 
ATOM   376 C "C4'"  . DC  B 2 1  ? -11.377 -7.884  15.121  1.00 1.13 ? 12 DC  B "C4'"  1 
ATOM   377 O "O4'"  . DC  B 2 1  ? -11.194 -6.559  15.667  1.00 1.07 ? 12 DC  B "O4'"  1 
ATOM   378 C "C3'"  . DC  B 2 1  ? -11.129 -7.819  13.616  1.00 1.00 ? 12 DC  B "C3'"  1 
ATOM   379 O "O3'"  . DC  B 2 1  ? -12.270 -8.287  12.884  1.00 1.02 ? 12 DC  B "O3'"  1 
ATOM   380 C "C2'"  . DC  B 2 1  ? -10.847 -6.370  13.309  1.00 0.87 ? 12 DC  B "C2'"  1 
ATOM   381 C "C1'"  . DC  B 2 1  ? -11.016 -5.599  14.605  1.00 0.90 ? 12 DC  B "C1'"  1 
ATOM   382 N N1     . DC  B 2 1  ? -9.848  -4.732  14.867  1.00 0.85 ? 12 DC  B N1     1 
ATOM   383 C C2     . DC  B 2 1  ? -10.086 -3.378  15.048  1.00 0.82 ? 12 DC  B C2     1 
ATOM   384 O O2     . DC  B 2 1  ? -11.228 -2.934  14.967  1.00 0.85 ? 12 DC  B O2     1 
ATOM   385 N N3     . DC  B 2 1  ? -9.028  -2.565  15.307  1.00 0.80 ? 12 DC  B N3     1 
ATOM   386 C C4     . DC  B 2 1  ? -7.784  -3.052  15.382  1.00 0.85 ? 12 DC  B C4     1 
ATOM   387 N N4     . DC  B 2 1  ? -6.774  -2.221  15.642  1.00 0.88 ? 12 DC  B N4     1 
ATOM   388 C C5     . DC  B 2 1  ? -7.529  -4.446  15.193  1.00 0.91 ? 12 DC  B C5     1 
ATOM   389 C C6     . DC  B 2 1  ? -8.583  -5.247  14.939  1.00 0.89 ? 12 DC  B C6     1 
ATOM   390 H "H5'"  . DC  B 2 1  ? -10.622 -8.883  16.863  1.00 1.36 ? 12 DC  B "H5'"  1 
ATOM   391 H "H5''" . DC  B 2 1  ? -10.602 -9.871  15.386  1.00 1.64 ? 12 DC  B "H5''" 1 
ATOM   392 H "H4'"  . DC  B 2 1  ? -12.402 -8.202  15.300  1.00 1.20 ? 12 DC  B "H4'"  1 
ATOM   393 H "H3'"  . DC  B 2 1  ? -10.255 -8.421  13.363  1.00 1.09 ? 12 DC  B "H3'"  1 
ATOM   394 H "H2'"  . DC  B 2 1  ? -9.827  -6.262  12.939  1.00 0.84 ? 12 DC  B "H2'"  1 
ATOM   395 H "H2''" . DC  B 2 1  ? -11.552 -6.002  12.565  1.00 0.84 ? 12 DC  B "H2''" 1 
ATOM   396 H "H1'"  . DC  B 2 1  ? -11.910 -4.979  14.534  1.00 0.88 ? 12 DC  B "H1'"  1 
ATOM   397 H H41    . DC  B 2 1  ? -6.954  -1.235  15.775  1.00 0.86 ? 12 DC  B H41    1 
ATOM   398 H H42    . DC  B 2 1  ? -5.830  -2.576  15.707  1.00 0.96 ? 12 DC  B H42    1 
ATOM   399 H H5     . DC  B 2 1  ? -6.517  -4.847  15.251  1.00 0.99 ? 12 DC  B H5     1 
ATOM   400 H H6     . DC  B 2 1  ? -8.425  -6.314  14.784  1.00 0.95 ? 12 DC  B H6     1 
ATOM   401 H "HO5'" . DC  B 2 1  ? -8.964  -7.601  15.839  1.00 2.22 ? 12 DC  B "HO5'" 1 
ATOM   402 P P      . DA  B 2 2  ? -12.285 -8.282  11.268  1.00 1.02 ? 13 DA  B P      1 
ATOM   403 O OP1    . DA  B 2 2  ? -13.325 -9.239  10.819  1.00 1.53 ? 13 DA  B OP1    1 
ATOM   404 O OP2    . DA  B 2 2  ? -10.896 -8.414  10.777  1.00 1.77 ? 13 DA  B OP2    1 
ATOM   405 O "O5'"  . DA  B 2 2  ? -12.796 -6.795  10.944  1.00 1.01 ? 13 DA  B "O5'"  1 
ATOM   406 C "C5'"  . DA  B 2 2  ? -14.118 -6.415  11.327  1.00 0.98 ? 13 DA  B "C5'"  1 
ATOM   407 C "C4'"  . DA  B 2 2  ? -14.499 -5.042  10.792  1.00 0.84 ? 13 DA  B "C4'"  1 
ATOM   408 O "O4'"  . DA  B 2 2  ? -13.633 -4.000  11.305  1.00 0.81 ? 13 DA  B "O4'"  1 
ATOM   409 C "C3'"  . DA  B 2 2  ? -14.381 -5.053  9.280   1.00 0.78 ? 13 DA  B "C3'"  1 
ATOM   410 O "O3'"  . DA  B 2 2  ? -15.589 -4.494  8.705   1.00 0.78 ? 13 DA  B "O3'"  1 
ATOM   411 C "C2'"  . DA  B 2 2  ? -13.135 -4.248  8.980   1.00 0.69 ? 13 DA  B "C2'"  1 
ATOM   412 C "C1'"  . DA  B 2 2  ? -12.876 -3.406  10.226  1.00 0.68 ? 13 DA  B "C1'"  1 
ATOM   413 N N9     . DA  B 2 2  ? -11.440 -3.327  10.604  1.00 0.66 ? 13 DA  B N9     1 
ATOM   414 C C8     . DA  B 2 2  ? -10.501 -4.304  10.691  1.00 0.68 ? 13 DA  B C8     1 
ATOM   415 N N7     . DA  B 2 2  ? -9.347  -3.985  11.185  1.00 0.67 ? 13 DA  B N7     1 
ATOM   416 C C5     . DA  B 2 2  ? -9.520  -2.625  11.464  1.00 0.63 ? 13 DA  B C5     1 
ATOM   417 C C6     . DA  B 2 2  ? -8.677  -1.648  12.018  1.00 0.61 ? 13 DA  B C6     1 
ATOM   418 N N6     . DA  B 2 2  ? -7.429  -1.893  12.431  1.00 0.63 ? 13 DA  B N6     1 
ATOM   419 N N1     . DA  B 2 2  ? -9.174  -0.406  12.146  1.00 0.60 ? 13 DA  B N1     1 
ATOM   420 C C2     . DA  B 2 2  ? -10.422 -0.133  11.763  1.00 0.61 ? 13 DA  B C2     1 
ATOM   421 N N3     . DA  B 2 2  ? -11.303 -0.975  11.233  1.00 0.62 ? 13 DA  B N3     1 
ATOM   422 C C4     . DA  B 2 2  ? -10.788 -2.215  11.109  1.00 0.63 ? 13 DA  B C4     1 
ATOM   423 H "H5'"  . DA  B 2 2  ? -14.192 -6.429  12.412  1.00 1.05 ? 13 DA  B "H5'"  1 
ATOM   424 H "H5''" . DA  B 2 2  ? -14.811 -7.139  10.908  1.00 1.31 ? 13 DA  B "H5''" 1 
ATOM   425 H "H4'"  . DA  B 2 2  ? -15.532 -4.821  11.069  1.00 0.86 ? 13 DA  B "H4'"  1 
ATOM   426 H "H3'"  . DA  B 2 2  ? -14.238 -6.073  8.935   1.00 0.85 ? 13 DA  B "H3'"  1 
ATOM   427 H "H2'"  . DA  B 2 2  ? -12.285 -4.915  8.780   1.00 0.70 ? 13 DA  B "H2'"  1 
ATOM   428 H "H2''" . DA  B 2 2  ? -13.315 -3.611  8.129   1.00 0.66 ? 13 DA  B "H2''" 1 
ATOM   429 H "H1'"  . DA  B 2 2  ? -13.250 -2.398  10.043  1.00 0.65 ? 13 DA  B "H1'"  1 
ATOM   430 H H8     . DA  B 2 2  ? -10.712 -5.320  10.360  1.00 0.72 ? 13 DA  B H8     1 
ATOM   431 H H61    . DA  B 2 2  ? -6.873  -1.145  12.826  1.00 0.63 ? 13 DA  B H61    1 
ATOM   432 H H62    . DA  B 2 2  ? -7.043  -2.822  12.355  1.00 0.66 ? 13 DA  B H62    1 
ATOM   433 H H2     . DA  B 2 2  ? -10.754 0.896   11.896  1.00 0.62 ? 13 DA  B H2     1 
ATOM   434 P P      . DC  B 2 3  ? -15.667 -4.049  7.167   1.00 1.18 ? 14 DC  B P      1 
ATOM   435 O OP1    . DC  B 2 3  ? -17.071 -3.700  6.819   1.00 1.67 ? 14 DC  B OP1    1 
ATOM   436 O OP2    . DC  B 2 3  ? -14.885 -5.015  6.361   1.00 2.30 ? 14 DC  B OP2    1 
ATOM   437 O "O5'"  . DC  B 2 3  ? -14.929 -2.646  7.259   1.00 1.06 ? 14 DC  B "O5'"  1 
ATOM   438 C "C5'"  . DC  B 2 3  ? -15.501 -1.718  8.171   1.00 1.06 ? 14 DC  B "C5'"  1 
ATOM   439 C "C4'"  . DC  B 2 3  ? -14.863 -0.362  8.128   1.00 0.83 ? 14 DC  B "C4'"  1 
ATOM   440 O "O4'"  . DC  B 2 3  ? -13.595 -0.379  8.796   1.00 0.76 ? 14 DC  B "O4'"  1 
ATOM   441 C "C3'"  . DC  B 2 3  ? -14.655 0.042   6.693   1.00 0.72 ? 14 DC  B "C3'"  1 
ATOM   442 O "O3'"  . DC  B 2 3  ? -15.501 1.139   6.363   1.00 0.71 ? 14 DC  B "O3'"  1 
ATOM   443 C "C2'"  . DC  B 2 3  ? -13.195 0.394   6.580   1.00 0.61 ? 14 DC  B "C2'"  1 
ATOM   444 C "C1'"  . DC  B 2 3  ? -12.609 0.263   7.975   1.00 0.63 ? 14 DC  B "C1'"  1 
ATOM   445 N N1     . DC  B 2 3  ? -11.363 -0.519  7.963   1.00 0.61 ? 14 DC  B N1     1 
ATOM   446 C C2     . DC  B 2 3  ? -10.258 0.032   8.590   1.00 0.61 ? 14 DC  B C2     1 
ATOM   447 O O2     . DC  B 2 3  ? -10.325 1.153   9.093   1.00 0.63 ? 14 DC  B O2     1 
ATOM   448 N N3     . DC  B 2 3  ? -9.111  -0.692  8.623   1.00 0.60 ? 14 DC  B N3     1 
ATOM   449 C C4     . DC  B 2 3  ? -9.048  -1.907  8.065   1.00 0.60 ? 14 DC  B C4     1 
ATOM   450 N N4     . DC  B 2 3  ? -7.908  -2.590  8.120   1.00 0.61 ? 14 DC  B N4     1 
ATOM   451 C C5     . DC  B 2 3  ? -10.184 -2.479  7.414   1.00 0.60 ? 14 DC  B C5     1 
ATOM   452 C C6     . DC  B 2 3  ? -11.316 -1.755  7.387   1.00 0.61 ? 14 DC  B C6     1 
ATOM   453 H "H5'"  . DC  B 2 3  ? -15.407 -2.116  9.176   1.00 1.19 ? 14 DC  B "H5'"  1 
ATOM   454 H "H5''" . DC  B 2 3  ? -16.554 -1.617  7.926   1.00 1.17 ? 14 DC  B "H5''" 1 
ATOM   455 H "H4'"  . DC  B 2 3  ? -15.521 0.368   8.624   1.00 0.91 ? 14 DC  B "H4'"  1 
ATOM   456 H "H3'"  . DC  B 2 3  ? -14.866 -0.806  6.036   1.00 0.84 ? 14 DC  B "H3'"  1 
ATOM   457 H "H2'"  . DC  B 2 3  ? -12.702 -0.302  5.903   1.00 0.61 ? 14 DC  B "H2'"  1 
ATOM   458 H "H2''" . DC  B 2 3  ? -13.080 1.414   6.219   1.00 0.60 ? 14 DC  B "H2''" 1 
ATOM   459 H "H1'"  . DC  B 2 3  ? -12.408 1.253   8.378   1.00 0.66 ? 14 DC  B "H1'"  1 
ATOM   460 H H41    . DC  B 2 3  ? -7.102  -2.188  8.578   1.00 0.62 ? 14 DC  B H41    1 
ATOM   461 H H42    . DC  B 2 3  ? -7.848  -3.506  7.701   1.00 0.62 ? 14 DC  B H42    1 
ATOM   462 H H5     . DC  B 2 3  ? -10.134 -3.464  6.951   1.00 0.62 ? 14 DC  B H5     1 
ATOM   463 H H6     . DC  B 2 3  ? -12.203 -2.160  6.903   1.00 0.63 ? 14 DC  B H6     1 
ATOM   464 P P      . DC  B 2 4  ? -15.492 1.753   4.887   1.00 0.73 ? 15 DC  B P      1 
ATOM   465 O OP1    . DC  B 2 4  ? -16.691 2.603   4.738   1.00 1.36 ? 15 DC  B OP1    1 
ATOM   466 O OP2    . DC  B 2 4  ? -15.237 0.654   3.932   1.00 1.63 ? 15 DC  B OP2    1 
ATOM   467 O "O5'"  . DC  B 2 4  ? -14.190 2.697   4.934   1.00 0.67 ? 15 DC  B "O5'"  1 
ATOM   468 C "C5'"  . DC  B 2 4  ? -14.179 3.881   5.739   1.00 0.66 ? 15 DC  B "C5'"  1 
ATOM   469 C "C4'"  . DC  B 2 4  ? -12.856 4.633   5.613   1.00 0.61 ? 15 DC  B "C4'"  1 
ATOM   470 O "O4'"  . DC  B 2 4  ? -11.760 3.823   6.094   1.00 0.58 ? 15 DC  B "O4'"  1 
ATOM   471 C "C3'"  . DC  B 2 4  ? -12.576 4.998   4.160   1.00 0.61 ? 15 DC  B "C3'"  1 
ATOM   472 O "O3'"  . DC  B 2 4  ? -12.427 6.419   4.017   1.00 0.62 ? 15 DC  B "O3'"  1 
ATOM   473 C "C2'"  . DC  B 2 4  ? -11.304 4.273   3.793   1.00 0.55 ? 15 DC  B "C2'"  1 
ATOM   474 C "C1'"  . DC  B 2 4  ? -10.734 3.718   5.086   1.00 0.53 ? 15 DC  B "C1'"  1 
ATOM   475 N N1     . DC  B 2 4  ? -10.295 2.315   4.927   1.00 0.51 ? 15 DC  B N1     1 
ATOM   476 C C2     . DC  B 2 4  ? -9.008  2.000   5.338   1.00 0.47 ? 15 DC  B C2     1 
ATOM   477 O O2     . DC  B 2 4  ? -8.274  2.872   5.793   1.00 0.46 ? 15 DC  B O2     1 
ATOM   478 N N3     . DC  B 2 4  ? -8.588  0.712   5.217   1.00 0.46 ? 15 DC  B N3     1 
ATOM   479 C C4     . DC  B 2 4  ? -9.391  -0.231  4.716   1.00 0.50 ? 15 DC  B C4     1 
ATOM   480 N N4     . DC  B 2 4  ? -8.943  -1.484  4.621   1.00 0.50 ? 15 DC  B N4     1 
ATOM   481 C C5     . DC  B 2 4  ? -10.719 0.085   4.288   1.00 0.55 ? 15 DC  B C5     1 
ATOM   482 C C6     . DC  B 2 4  ? -11.130 1.363   4.411   1.00 0.56 ? 15 DC  B C6     1 
ATOM   483 H "H5'"  . DC  B 2 4  ? -14.334 3.607   6.783   1.00 0.67 ? 15 DC  B "H5'"  1 
ATOM   484 H "H5''" . DC  B 2 4  ? -14.991 4.534   5.418   1.00 0.70 ? 15 DC  B "H5''" 1 
ATOM   485 H "H4'"  . DC  B 2 4  ? -12.908 5.546   6.204   1.00 0.62 ? 15 DC  B "H4'"  1 
ATOM   486 H "H3'"  . DC  B 2 4  ? -13.395 4.645   3.528   1.00 0.65 ? 15 DC  B "H3'"  1 
ATOM   487 H "H2'"  . DC  B 2 4  ? -11.527 3.461   3.102   1.00 0.58 ? 15 DC  B "H2'"  1 
ATOM   488 H "H2''" . DC  B 2 4  ? -10.593 4.963   3.341   1.00 0.54 ? 15 DC  B "H2''" 1 
ATOM   489 H "H1'"  . DC  B 2 4  ? -9.879  4.327   5.384   1.00 0.51 ? 15 DC  B "H1'"  1 
ATOM   490 H H41    . DC  B 2 4  ? -8.005  -1.707  4.924   1.00 0.48 ? 15 DC  B H41    1 
ATOM   491 H H42    . DC  B 2 4  ? -9.540  -2.208  4.246   1.00 0.54 ? 15 DC  B H42    1 
ATOM   492 H H5     . DC  B 2 4  ? -11.378 -0.682  3.879   1.00 0.60 ? 15 DC  B H5     1 
ATOM   493 H H6     . DC  B 2 4  ? -12.135 1.639   4.096   1.00 0.60 ? 15 DC  B H6     1 
ATOM   494 P P      . DA  B 2 5  ? -11.872 7.065   2.648   1.00 0.65 ? 16 DA  B P      1 
ATOM   495 O OP1    . DA  B 2 5  ? -12.098 8.527   2.699   1.00 1.29 ? 16 DA  B OP1    1 
ATOM   496 O OP2    . DA  B 2 5  ? -12.396 6.276   1.511   1.00 1.59 ? 16 DA  B OP2    1 
ATOM   497 O "O5'"  . DA  B 2 5  ? -10.288 6.791   2.757   1.00 0.60 ? 16 DA  B "O5'"  1 
ATOM   498 C "C5'"  . DA  B 2 5  ? -9.473  7.556   3.653   1.00 0.62 ? 16 DA  B "C5'"  1 
ATOM   499 C "C4'"  . DA  B 2 5  ? -7.991  7.431   3.299   1.00 0.61 ? 16 DA  B "C4'"  1 
ATOM   500 O "O4'"  . DA  B 2 5  ? -7.497  6.114   3.636   1.00 0.57 ? 16 DA  B "O4'"  1 
ATOM   501 C "C3'"  . DA  B 2 5  ? -7.788  7.637   1.802   1.00 0.61 ? 16 DA  B "C3'"  1 
ATOM   502 O "O3'"  . DA  B 2 5  ? -7.136  8.884   1.474   1.00 0.71 ? 16 DA  B "O3'"  1 
ATOM   503 C "C2'"  . DA  B 2 5  ? -6.975  6.467   1.332   1.00 0.55 ? 16 DA  B "C2'"  1 
ATOM   504 C "C1'"  . DA  B 2 5  ? -6.718  5.585   2.543   1.00 0.52 ? 16 DA  B "C1'"  1 
ATOM   505 N N9     . DA  B 2 5  ? -7.071  4.175   2.265   1.00 0.47 ? 16 DA  B N9     1 
ATOM   506 C C8     . DA  B 2 5  ? -8.177  3.650   1.678   1.00 0.49 ? 16 DA  B C8     1 
ATOM   507 N N7     . DA  B 2 5  ? -8.227  2.367   1.538   1.00 0.49 ? 16 DA  B N7     1 
ATOM   508 C C5     . DA  B 2 5  ? -7.007  1.974   2.097   1.00 0.47 ? 16 DA  B C5     1 
ATOM   509 C C6     . DA  B 2 5  ? -6.405  0.724   2.277   1.00 0.51 ? 16 DA  B C6     1 
ATOM   510 N N6     . DA  B 2 5  ? -6.966  -0.422  1.886   1.00 0.60 ? 16 DA  B N6     1 
ATOM   511 N N1     . DA  B 2 5  ? -5.196  0.699   2.867   1.00 0.51 ? 16 DA  B N1     1 
ATOM   512 C C2     . DA  B 2 5  ? -4.612  1.832   3.258   1.00 0.46 ? 16 DA  B C2     1 
ATOM   513 N N3     . DA  B 2 5  ? -5.090  3.066   3.136   1.00 0.43 ? 16 DA  B N3     1 
ATOM   514 C C4     . DA  B 2 5  ? -6.299  3.068   2.544   1.00 0.44 ? 16 DA  B C4     1 
ATOM   515 H "H5'"  . DA  B 2 5  ? -9.630  7.199   4.672   1.00 0.65 ? 16 DA  B "H5'"  1 
ATOM   516 H "H5''" . DA  B 2 5  ? -9.765  8.603   3.592   1.00 0.66 ? 16 DA  B "H5''" 1 
ATOM   517 H "H4'"  . DA  B 2 5  ? -7.426  8.179   3.853   1.00 0.66 ? 16 DA  B "H4'"  1 
ATOM   518 H "H3'"  . DA  B 2 5  ? -8.768  7.602   1.314   1.00 0.64 ? 16 DA  B "H3'"  1 
ATOM   519 H "H2'"  . DA  B 2 5  ? -7.528  5.915   0.578   1.00 0.54 ? 16 DA  B "H2'"  1 
ATOM   520 H "H2''" . DA  B 2 5  ? -6.029  6.816   0.923   1.00 0.58 ? 16 DA  B "H2''" 1 
ATOM   521 H "H1'"  . DA  B 2 5  ? -5.659  5.641   2.801   1.00 0.56 ? 16 DA  B "H1'"  1 
ATOM   522 H H8     . DA  B 2 5  ? -8.996  4.287   1.340   1.00 0.53 ? 16 DA  B H8     1 
ATOM   523 H H61    . DA  B 2 5  ? -6.486  -1.298  2.039   1.00 0.66 ? 16 DA  B H61    1 
ATOM   524 H H62    . DA  B 2 5  ? -7.870  -0.414  1.436   1.00 0.62 ? 16 DA  B H62    1 
ATOM   525 H H2     . DA  B 2 5  ? -3.634  1.735   3.732   1.00 0.47 ? 16 DA  B H2     1 
ATOM   526 P P      . DC  B 2 6  ? -5.685  9.332   2.051   1.00 1.01 ? 17 DC  B P      1 
ATOM   527 O OP1    . DC  B 2 6  ? -5.868  9.789   3.449   1.00 2.17 ? 17 DC  B OP1    1 
ATOM   528 O OP2    . DC  B 2 6  ? -5.077  10.244  1.050   1.00 1.53 ? 17 DC  B OP2    1 
ATOM   529 O "O5'"  . DC  B 2 6  ? -4.803  7.975   2.075   1.00 0.90 ? 17 DC  B "O5'"  1 
ATOM   530 C "C5'"  . DC  B 2 6  ? -3.804  7.788   3.097   1.00 0.87 ? 17 DC  B "C5'"  1 
ATOM   531 C "C4'"  . DC  B 2 6  ? -2.728  6.762   2.712   1.00 0.64 ? 17 DC  B "C4'"  1 
ATOM   532 O "O4'"  . DC  B 2 6  ? -3.335  5.512   2.317   1.00 0.57 ? 17 DC  B "O4'"  1 
ATOM   533 C "C3'"  . DC  B 2 6  ? -1.848  7.248   1.555   1.00 0.59 ? 17 DC  B "C3'"  1 
ATOM   534 O "O3'"  . DC  B 2 6  ? -0.452  7.181   1.922   1.00 0.57 ? 17 DC  B "O3'"  1 
ATOM   535 C "C2'"  . DC  B 2 6  ? -2.156  6.311   0.419   1.00 0.52 ? 17 DC  B "C2'"  1 
ATOM   536 C "C1'"  . DC  B 2 6  ? -2.797  5.090   1.053   1.00 0.46 ? 17 DC  B "C1'"  1 
ATOM   537 N N1     . DC  B 2 6  ? -3.851  4.522   0.190   1.00 0.44 ? 17 DC  B N1     1 
ATOM   538 C C2     . DC  B 2 6  ? -3.901  3.142   0.068   1.00 0.54 ? 17 DC  B C2     1 
ATOM   539 O O2     . DC  B 2 6  ? -3.093  2.435   0.667   1.00 0.68 ? 17 DC  B O2     1 
ATOM   540 N N3     . DC  B 2 6  ? -4.861  2.603   -0.728  1.00 0.56 ? 17 DC  B N3     1 
ATOM   541 C C4     . DC  B 2 6  ? -5.733  3.382   -1.378  1.00 0.49 ? 17 DC  B C4     1 
ATOM   542 N N4     . DC  B 2 6  ? -6.648  2.822   -2.163  1.00 0.54 ? 17 DC  B N4     1 
ATOM   543 C C5     . DC  B 2 6  ? -5.684  4.804   -1.256  1.00 0.48 ? 17 DC  B C5     1 
ATOM   544 C C6     . DC  B 2 6  ? -4.733  5.328   -0.467  1.00 0.45 ? 17 DC  B C6     1 
ATOM   545 H "H5'"  . DC  B 2 6  ? -4.298  7.444   4.004   1.00 0.98 ? 17 DC  B "H5'"  1 
ATOM   546 H "H5''" . DC  B 2 6  ? -3.321  8.743   3.301   1.00 1.01 ? 17 DC  B "H5''" 1 
ATOM   547 H "H4'"  . DC  B 2 6  ? -2.093  6.582   3.578   1.00 0.70 ? 17 DC  B "H4'"  1 
ATOM   548 H "H3'"  . DC  B 2 6  ? -2.119  8.268   1.278   1.00 0.76 ? 17 DC  B "H3'"  1 
ATOM   549 H "H2'"  . DC  B 2 6  ? -2.851  6.786   -0.270  1.00 0.61 ? 17 DC  B "H2'"  1 
ATOM   550 H "H2''" . DC  B 2 6  ? -1.250  6.036   -0.104  1.00 0.60 ? 17 DC  B "H2''" 1 
ATOM   551 H "H1'"  . DC  B 2 6  ? -2.028  4.335   1.226   1.00 0.53 ? 17 DC  B "H1'"  1 
ATOM   552 H H41    . DC  B 2 6  ? -6.681  1.817   -2.258  1.00 0.61 ? 17 DC  B H41    1 
ATOM   553 H H42    . DC  B 2 6  ? -7.305  3.400   -2.665  1.00 0.57 ? 17 DC  B H42    1 
ATOM   554 H H5     . DC  B 2 6  ? -6.395  5.441   -1.781  1.00 0.57 ? 17 DC  B H5     1 
ATOM   555 H H6     . DC  B 2 6  ? -4.667  6.408   -0.351  1.00 0.51 ? 17 DC  B H6     1 
ATOM   556 P P      . DC  B 2 7  ? 0.728   7.584   0.885   1.00 0.57 ? 18 DC  B P      1 
ATOM   557 O OP1    . DC  B 2 7  ? 1.490   8.713   1.463   1.00 1.44 ? 18 DC  B OP1    1 
ATOM   558 O OP2    . DC  B 2 7  ? 0.135   7.709   -0.468  1.00 1.38 ? 18 DC  B OP2    1 
ATOM   559 O "O5'"  . DC  B 2 7  ? 1.682   6.282   0.902   1.00 0.53 ? 18 DC  B "O5'"  1 
ATOM   560 C "C5'"  . DC  B 2 7  ? 1.156   4.996   0.569   1.00 0.54 ? 18 DC  B "C5'"  1 
ATOM   561 C "C4'"  . DC  B 2 7  ? 2.110   4.178   -0.286  1.00 0.50 ? 18 DC  B "C4'"  1 
ATOM   562 O "O4'"  . DC  B 2 7  ? 1.421   3.043   -0.855  1.00 0.54 ? 18 DC  B "O4'"  1 
ATOM   563 C "C3'"  . DC  B 2 7  ? 2.651   5.016   -1.427  1.00 0.42 ? 18 DC  B "C3'"  1 
ATOM   564 O "O3'"  . DC  B 2 7  ? 4.074   4.858   -1.515  1.00 0.48 ? 18 DC  B "O3'"  1 
ATOM   565 C "C2'"  . DC  B 2 7  ? 1.940   4.517   -2.665  1.00 0.38 ? 18 DC  B "C2'"  1 
ATOM   566 C "C1'"  . DC  B 2 7  ? 1.276   3.201   -2.285  1.00 0.43 ? 18 DC  B "C1'"  1 
ATOM   567 N N1     . DC  B 2 7  ? -0.159  3.179   -2.677  1.00 0.39 ? 18 DC  B N1     1 
ATOM   568 C C2     . DC  B 2 7  ? -0.619  2.074   -3.386  1.00 0.38 ? 18 DC  B C2     1 
ATOM   569 O O2     . DC  B 2 7  ? 0.146   1.161   -3.682  1.00 0.40 ? 18 DC  B O2     1 
ATOM   570 N N3     . DC  B 2 7  ? -1.935  2.034   -3.737  1.00 0.39 ? 18 DC  B N3     1 
ATOM   571 C C4     . DC  B 2 7  ? -2.768  3.029   -3.414  1.00 0.41 ? 18 DC  B C4     1 
ATOM   572 N N4     . DC  B 2 7  ? -4.050  2.954   -3.784  1.00 0.46 ? 18 DC  B N4     1 
ATOM   573 C C5     . DC  B 2 7  ? -2.304  4.168   -2.688  1.00 0.41 ? 18 DC  B C5     1 
ATOM   574 C C6     . DC  B 2 7  ? -1.001  4.204   -2.344  1.00 0.39 ? 18 DC  B C6     1 
ATOM   575 H "H5'"  . DC  B 2 7  ? 0.231   5.127   0.023   1.00 0.53 ? 18 DC  B "H5'"  1 
ATOM   576 H "H5''" . DC  B 2 7  ? 0.952   4.453   1.484   1.00 0.65 ? 18 DC  B "H5''" 1 
ATOM   577 H "H4'"  . DC  B 2 7  ? 2.937   3.824   0.329   1.00 0.56 ? 18 DC  B "H4'"  1 
ATOM   578 H "H3'"  . DC  B 2 7  ? 2.404   6.068   -1.259  1.00 0.40 ? 18 DC  B "H3'"  1 
ATOM   579 H "H2'"  . DC  B 2 7  ? 1.186   5.239   -2.976  1.00 0.36 ? 18 DC  B "H2'"  1 
ATOM   580 H "H2''" . DC  B 2 7  ? 2.652   4.353   -3.471  1.00 0.43 ? 18 DC  B "H2''" 1 
ATOM   581 H "H1'"  . DC  B 2 7  ? 1.796   2.385   -2.787  1.00 0.48 ? 18 DC  B "H1'"  1 
ATOM   582 H H41    . DC  B 2 7  ? -4.376  2.144   -4.296  1.00 0.85 ? 18 DC  B H41    1 
ATOM   583 H H42    . DC  B 2 7  ? -4.692  3.698   -3.550  1.00 1.12 ? 18 DC  B H42    1 
ATOM   584 H H5     . DC  B 2 7  ? -2.979  4.979   -2.416  1.00 0.44 ? 18 DC  B H5     1 
ATOM   585 H H6     . DC  B 2 7  ? -0.612  5.061   -1.801  1.00 0.41 ? 18 DC  B H6     1 
ATOM   586 P P      . DT  B 2 8  ? 4.884   5.215   -2.858  1.00 0.50 ? 19 DT  B P      1 
ATOM   587 O OP1    . DT  B 2 8  ? 6.327   5.242   -2.532  1.00 1.51 ? 19 DT  B OP1    1 
ATOM   588 O OP2    . DT  B 2 8  ? 4.244   6.387   -3.495  1.00 1.24 ? 19 DT  B OP2    1 
ATOM   589 O "O5'"  . DT  B 2 8  ? 4.593   3.924   -3.769  1.00 0.47 ? 19 DT  B "O5'"  1 
ATOM   590 C "C5'"  . DT  B 2 8  ? 5.061   2.636   -3.358  1.00 0.51 ? 19 DT  B "C5'"  1 
ATOM   591 C "C4'"  . DT  B 2 8  ? 4.775   1.575   -4.411  1.00 0.49 ? 19 DT  B "C4'"  1 
ATOM   592 O "O4'"  . DT  B 2 8  ? 3.358   1.298   -4.508  1.00 0.43 ? 19 DT  B "O4'"  1 
ATOM   593 C "C3'"  . DT  B 2 8  ? 5.257   2.043   -5.778  1.00 0.51 ? 19 DT  B "C3'"  1 
ATOM   594 O "O3'"  . DT  B 2 8  ? 6.294   1.178   -6.270  1.00 0.60 ? 19 DT  B "O3'"  1 
ATOM   595 C "C2'"  . DT  B 2 8  ? 4.036   2.010   -6.665  1.00 0.43 ? 19 DT  B "C2'"  1 
ATOM   596 C "C1'"  . DT  B 2 8  ? 2.981   1.240   -5.896  1.00 0.39 ? 19 DT  B "C1'"  1 
ATOM   597 N N1     . DT  B 2 8  ? 1.625   1.796   -6.114  1.00 0.32 ? 19 DT  B N1     1 
ATOM   598 C C2     . DT  B 2 8  ? 0.656   0.932   -6.600  1.00 0.31 ? 19 DT  B C2     1 
ATOM   599 O O2     . DT  B 2 8  ? 0.894   -0.251  -6.846  1.00 0.36 ? 19 DT  B O2     1 
ATOM   600 N N3     . DT  B 2 8  ? -0.601  1.470   -6.790  1.00 0.26 ? 19 DT  B N3     1 
ATOM   601 C C4     . DT  B 2 8  ? -0.970  2.777   -6.546  1.00 0.25 ? 19 DT  B C4     1 
ATOM   602 O O4     . DT  B 2 8  ? -2.125  3.147   -6.749  1.00 0.27 ? 19 DT  B O4     1 
ATOM   603 C C5     . DT  B 2 8  ? 0.102   3.608   -6.042  1.00 0.26 ? 19 DT  B C5     1 
ATOM   604 C C7     . DT  B 2 8  ? -0.174  5.074   -5.726  1.00 0.29 ? 19 DT  B C7     1 
ATOM   605 C C6     . DT  B 2 8  ? 1.340   3.107   -5.846  1.00 0.29 ? 19 DT  B C6     1 
ATOM   606 H "H5'"  . DT  B 2 8  ? 4.570   2.356   -2.427  1.00 0.52 ? 19 DT  B "H5'"  1 
ATOM   607 H "H5''" . DT  B 2 8  ? 6.138   2.689   -3.192  1.00 0.57 ? 19 DT  B "H5''" 1 
ATOM   608 H "H4'"  . DT  B 2 8  ? 5.299   0.657   -4.144  1.00 0.55 ? 19 DT  B "H4'"  1 
ATOM   609 H "H3'"  . DT  B 2 8  ? 5.627   3.068   -5.704  1.00 0.52 ? 19 DT  B "H3'"  1 
ATOM   610 H "H2'"  . DT  B 2 8  ? 3.692   3.025   -6.858  1.00 0.41 ? 19 DT  B "H2'"  1 
ATOM   611 H "H2''" . DT  B 2 8  ? 4.259   1.507   -7.603  1.00 0.46 ? 19 DT  B "H2''" 1 
ATOM   612 H "H1'"  . DT  B 2 8  ? 2.997   0.197   -6.223  1.00 0.43 ? 19 DT  B "H1'"  1 
ATOM   613 H H3     . DT  B 2 8  ? -1.315  0.851   -7.144  1.00 0.28 ? 19 DT  B H3     1 
ATOM   614 H H71    . DT  B 2 8  ? -0.623  5.551   -6.595  1.00 1.10 ? 19 DT  B H71    1 
ATOM   615 H H72    . DT  B 2 8  ? 0.761   5.573   -5.477  1.00 1.07 ? 19 DT  B H72    1 
ATOM   616 H H73    . DT  B 2 8  ? -0.858  5.137   -4.881  1.00 1.03 ? 19 DT  B H73    1 
ATOM   617 H H6     . DT  B 2 8  ? 2.125   3.759   -5.466  1.00 0.32 ? 19 DT  B H6     1 
ATOM   618 P P      . DG  B 2 9  ? 6.771   1.226   -7.810  1.00 0.62 ? 20 DG  B P      1 
ATOM   619 O OP1    . DG  B 2 9  ? 8.169   0.745   -7.875  1.00 1.65 ? 20 DG  B OP1    1 
ATOM   620 O OP2    . DG  B 2 9  ? 6.423   2.550   -8.370  1.00 1.19 ? 20 DG  B OP2    1 
ATOM   621 O "O5'"  . DG  B 2 9  ? 5.826   0.119   -8.503  1.00 0.56 ? 20 DG  B "O5'"  1 
ATOM   622 C "C5'"  . DG  B 2 9  ? 5.974   -1.270  -8.179  1.00 0.60 ? 20 DG  B "C5'"  1 
ATOM   623 C "C4'"  . DG  B 2 9  ? 5.093   -2.155  -9.059  1.00 0.57 ? 20 DG  B "C4'"  1 
ATOM   624 O "O4'"  . DG  B 2 9  ? 3.697   -1.844  -8.857  1.00 0.53 ? 20 DG  B "O4'"  1 
ATOM   625 C "C3'"  . DG  B 2 9  ? 5.416   -1.960  -10.536 1.00 0.55 ? 20 DG  B "C3'"  1 
ATOM   626 O "O3'"  . DG  B 2 9  ? 5.801   -3.217  -11.128 1.00 0.59 ? 20 DG  B "O3'"  1 
ATOM   627 C "C2'"  . DG  B 2 9  ? 4.153   -1.407  -11.155 1.00 0.49 ? 20 DG  B "C2'"  1 
ATOM   628 C "C1'"  . DG  B 2 9  ? 3.056   -1.592  -10.124 1.00 0.47 ? 20 DG  B "C1'"  1 
ATOM   629 N N9     . DG  B 2 9  ? 2.180   -0.405  -10.042 1.00 0.42 ? 20 DG  B N9     1 
ATOM   630 C C8     . DG  B 2 9  ? 2.454   0.844   -9.591  1.00 0.44 ? 20 DG  B C8     1 
ATOM   631 N N7     . DG  B 2 9  ? 1.486   1.698   -9.566  1.00 0.42 ? 20 DG  B N7     1 
ATOM   632 C C5     . DG  B 2 9  ? 0.425   0.939   -10.064 1.00 0.38 ? 20 DG  B C5     1 
ATOM   633 C C6     . DG  B 2 9  ? -0.927  1.308   -10.284 1.00 0.36 ? 20 DG  B C6     1 
ATOM   634 O O6     . DG  B 2 9  ? -1.470  2.389   -10.064 1.00 0.40 ? 20 DG  B O6     1 
ATOM   635 N N1     . DG  B 2 9  ? -1.665  0.252   -10.799 1.00 0.34 ? 20 DG  B N1     1 
ATOM   636 C C2     . DG  B 2 9  ? -1.171  -1.008  -11.070 1.00 0.34 ? 20 DG  B C2     1 
ATOM   637 N N2     . DG  B 2 9  ? -2.033  -1.884  -11.584 1.00 0.35 ? 20 DG  B N2     1 
ATOM   638 N N3     . DG  B 2 9  ? 0.100   -1.365  -10.862 1.00 0.37 ? 20 DG  B N3     1 
ATOM   639 C C4     . DG  B 2 9  ? 0.841   -0.350  -10.360 1.00 0.38 ? 20 DG  B C4     1 
ATOM   640 H "H5'"  . DG  B 2 9  ? 5.695   -1.421  -7.135  1.00 0.64 ? 20 DG  B "H5'"  1 
ATOM   641 H "H5''" . DG  B 2 9  ? 7.016   -1.559  -8.314  1.00 0.64 ? 20 DG  B "H5''" 1 
ATOM   642 H "H4'"  . DG  B 2 9  ? 5.264   -3.198  -8.795  1.00 0.62 ? 20 DG  B "H4'"  1 
ATOM   643 H "H3'"  . DG  B 2 9  ? 6.222   -1.231  -10.646 1.00 0.56 ? 20 DG  B "H3'"  1 
ATOM   644 H "H2'"  . DG  B 2 9  ? 4.286   -0.346  -11.373 1.00 0.47 ? 20 DG  B "H2'"  1 
ATOM   645 H "H2''" . DG  B 2 9  ? 3.905   -1.946  -12.068 1.00 0.49 ? 20 DG  B "H2''" 1 
ATOM   646 H "H1'"  . DG  B 2 9  ? 2.456   -2.459  -10.397 1.00 0.48 ? 20 DG  B "H1'"  1 
ATOM   647 H H8     . DG  B 2 9  ? 3.458   1.120   -9.277  1.00 0.48 ? 20 DG  B H8     1 
ATOM   648 H H1     . DG  B 2 9  ? -2.638  0.445   -10.982 1.00 0.35 ? 20 DG  B H1     1 
ATOM   649 H H21    . DG  B 2 9  ? -2.994  -1.612  -11.741 1.00 0.35 ? 20 DG  B H21    1 
ATOM   650 H H22    . DG  B 2 9  ? -1.726  -2.815  -11.822 1.00 0.38 ? 20 DG  B H22    1 
ATOM   651 P P      . DC  B 2 10 ? 5.864   -3.414  -12.725 1.00 1.18 ? 21 DC  B P      1 
ATOM   652 O OP1    . DC  B 2 10 ? 6.438   -4.754  -13.010 1.00 1.61 ? 21 DC  B OP1    1 
ATOM   653 O OP2    . DC  B 2 10 ? 6.470   -2.202  -13.315 1.00 2.33 ? 21 DC  B OP2    1 
ATOM   654 O "O5'"  . DC  B 2 10 ? 4.305   -3.441  -13.122 1.00 0.98 ? 21 DC  B "O5'"  1 
ATOM   655 C "C5'"  . DC  B 2 10 ? 3.481   -4.564  -12.792 1.00 0.97 ? 21 DC  B "C5'"  1 
ATOM   656 C "C4'"  . DC  B 2 10 ? 2.135   -4.482  -13.500 1.00 0.73 ? 21 DC  B "C4'"  1 
ATOM   657 O "O4'"  . DC  B 2 10 ? 1.378   -3.354  -13.014 1.00 0.66 ? 21 DC  B "O4'"  1 
ATOM   658 C "C3'"  . DC  B 2 10 ? 2.334   -4.306  -14.998 1.00 0.61 ? 21 DC  B "C3'"  1 
ATOM   659 O "O3'"  . DC  B 2 10 ? 1.902   -5.466  -15.723 1.00 0.63 ? 21 DC  B "O3'"  1 
ATOM   660 C "C2'"  . DC  B 2 10 ? 1.530   -3.086  -15.379 1.00 0.49 ? 21 DC  B "C2'"  1 
ATOM   661 C "C1'"  . DC  B 2 10 ? 0.812   -2.628  -14.123 1.00 0.49 ? 21 DC  B "C1'"  1 
ATOM   662 N N1     . DC  B 2 10 ? 0.944   -1.165  -13.934 1.00 0.43 ? 21 DC  B N1     1 
ATOM   663 C C2     . DC  B 2 10 ? -0.215  -0.404  -13.993 1.00 0.39 ? 21 DC  B C2     1 
ATOM   664 O O2     . DC  B 2 10 ? -1.297  -0.938  -14.217 1.00 0.40 ? 21 DC  B O2     1 
ATOM   665 N N3     . DC  B 2 10 ? -0.115  0.940   -13.810 1.00 0.39 ? 21 DC  B N3     1 
ATOM   666 C C4     . DC  B 2 10 ? 1.067   1.520   -13.580 1.00 0.42 ? 21 DC  B C4     1 
ATOM   667 N N4     . DC  B 2 10 ? 1.121   2.841   -13.400 1.00 0.46 ? 21 DC  B N4     1 
ATOM   668 C C5     . DC  B 2 10 ? 2.269   0.744   -13.522 1.00 0.45 ? 21 DC  B C5     1 
ATOM   669 C C6     . DC  B 2 10 ? 2.163   -0.588  -13.704 1.00 0.45 ? 21 DC  B C6     1 
ATOM   670 H "H5'"  . DC  B 2 10 ? 3.317   -4.584  -11.714 1.00 1.11 ? 21 DC  B "H5'"  1 
ATOM   671 H "H5''" . DC  B 2 10 ? 3.990   -5.480  -13.094 1.00 1.08 ? 21 DC  B "H5''" 1 
ATOM   672 H "H4'"  . DC  B 2 10 ? 1.571   -5.397  -13.317 1.00 0.82 ? 21 DC  B "H4'"  1 
ATOM   673 H "H3'"  . DC  B 2 10 ? 3.390   -4.115  -15.202 1.00 0.73 ? 21 DC  B "H3'"  1 
ATOM   674 H "H2'"  . DC  B 2 10 ? 2.198   -2.302  -15.732 1.00 0.52 ? 21 DC  B "H2'"  1 
ATOM   675 H "H2''" . DC  B 2 10 ? 0.806   -3.338  -16.153 1.00 0.51 ? 21 DC  B "H2''" 1 
ATOM   676 H "H1'"  . DC  B 2 10 ? -0.245  -2.882  -14.206 1.00 0.53 ? 21 DC  B "H1'"  1 
ATOM   677 H H41    . DC  B 2 10 ? 0.272   3.389   -13.441 1.00 0.47 ? 21 DC  B H41    1 
ATOM   678 H H42    . DC  B 2 10 ? 2.006   3.290   -13.222 1.00 0.51 ? 21 DC  B H42    1 
ATOM   679 H H5     . DC  B 2 10 ? 3.235   1.214   -13.342 1.00 0.50 ? 21 DC  B H5     1 
ATOM   680 H H6     . DC  B 2 10 ? 3.058   -1.207  -13.674 1.00 0.50 ? 21 DC  B H6     1 
ATOM   681 P P      . DC  B 2 11 ? 2.119   -5.548  -17.316 1.00 0.72 ? 22 DC  B P      1 
ATOM   682 O OP1    . DC  B 2 11 ? 2.076   -6.972  -17.727 1.00 1.23 ? 22 DC  B OP1    1 
ATOM   683 O OP2    . DC  B 2 11 ? 3.292   -4.713  -17.662 1.00 1.74 ? 22 DC  B OP2    1 
ATOM   684 O "O5'"  . DC  B 2 11 ? 0.796   -4.817  -17.877 1.00 0.71 ? 22 DC  B "O5'"  1 
ATOM   685 C "C5'"  . DC  B 2 11 ? -0.473  -5.481  -17.838 1.00 0.76 ? 22 DC  B "C5'"  1 
ATOM   686 C "C4'"  . DC  B 2 11 ? -1.574  -4.642  -18.481 1.00 0.78 ? 22 DC  B "C4'"  1 
ATOM   687 O "O4'"  . DC  B 2 11 ? -1.768  -3.411  -17.751 1.00 0.67 ? 22 DC  B "O4'"  1 
ATOM   688 C "C3'"  . DC  B 2 11 ? -1.213  -4.292  -19.920 1.00 0.88 ? 22 DC  B "C3'"  1 
ATOM   689 O "O3'"  . DC  B 2 11 ? -2.215  -4.762  -20.829 1.00 1.01 ? 22 DC  B "O3'"  1 
ATOM   690 C "C2'"  . DC  B 2 11 ? -1.117  -2.789  -19.964 1.00 0.83 ? 22 DC  B "C2'"  1 
ATOM   691 C "C1'"  . DC  B 2 11 ? -1.672  -2.282  -18.642 1.00 0.69 ? 22 DC  B "C1'"  1 
ATOM   692 N N1     . DC  B 2 11 ? -0.812  -1.224  -18.062 1.00 0.60 ? 22 DC  B N1     1 
ATOM   693 C C2     . DC  B 2 11 ? -1.414  -0.021  -17.722 1.00 0.56 ? 22 DC  B C2     1 
ATOM   694 O O2     . DC  B 2 11 ? -2.619  0.143   -17.898 1.00 0.60 ? 22 DC  B O2     1 
ATOM   695 N N3     . DC  B 2 11 ? -0.637  0.962   -17.192 1.00 0.52 ? 22 DC  B N3     1 
ATOM   696 C C4     . DC  B 2 11 ? 0.675   0.779   -17.001 1.00 0.51 ? 22 DC  B C4     1 
ATOM   697 N N4     . DC  B 2 11 ? 1.405   1.768   -16.486 1.00 0.53 ? 22 DC  B N4     1 
ATOM   698 C C5     . DC  B 2 11 ? 1.301   -0.458  -17.347 1.00 0.55 ? 22 DC  B C5     1 
ATOM   699 C C6     . DC  B 2 11 ? 0.525   -1.428  -17.871 1.00 0.59 ? 22 DC  B C6     1 
ATOM   700 H "H5'"  . DC  B 2 11 ? -0.740  -5.681  -16.800 1.00 0.72 ? 22 DC  B "H5'"  1 
ATOM   701 H "H5''" . DC  B 2 11 ? -0.393  -6.429  -18.373 1.00 0.86 ? 22 DC  B "H5''" 1 
ATOM   702 H "H4'"  . DC  B 2 11 ? -2.505  -5.208  -18.476 1.00 0.85 ? 22 DC  B "H4'"  1 
ATOM   703 H "H3'"  . DC  B 2 11 ? -0.244  -4.728  -20.174 1.00 0.92 ? 22 DC  B "H3'"  1 
ATOM   704 H "HO3'" . DC  B 2 11 ? -2.412  -5.667  -20.593 1.00 1.20 ? 22 DC  B "HO3'" 1 
ATOM   705 H "H2'"  . DC  B 2 11 ? -0.075  -2.488  -20.073 1.00 0.83 ? 22 DC  B "H2'"  1 
ATOM   706 H "H2''" . DC  B 2 11 ? -1.706  -2.398  -20.793 1.00 0.90 ? 22 DC  B "H2''" 1 
ATOM   707 H "H1'"  . DC  B 2 11 ? -2.671  -1.876  -18.809 1.00 0.72 ? 22 DC  B "H1'"  1 
ATOM   708 H H41    . DC  B 2 11 ? 0.966   2.646   -16.242 1.00 0.53 ? 22 DC  B H41    1 
ATOM   709 H H42    . DC  B 2 11 ? 2.397   1.641   -16.340 1.00 0.56 ? 22 DC  B H42    1 
ATOM   710 H H5     . DC  B 2 11 ? 2.368   -0.614  -17.189 1.00 0.57 ? 22 DC  B H5     1 
ATOM   711 H H6     . DC  B 2 11 ? 0.970   -2.385  -18.143 1.00 0.64 ? 22 DC  B H6     1 
# 
